data_6TYO
#
_entry.id   6TYO
#
_cell.length_a   68.580
_cell.length_b   98.208
_cell.length_c   104.602
_cell.angle_alpha   90.000
_cell.angle_beta   90.000
_cell.angle_gamma   90.000
#
_symmetry.space_group_name_H-M   'P 21 21 21'
#
loop_
_entity.id
_entity.type
_entity.pdbx_description
1 polymer 'Pertussis-like toxin subunit'
2 branched '4-O-acetyl-5-acetamido-3,5-dideoxy-D-glycero-alpha-D-galacto-non-2-ulopyranosonic acid-(2-3)-beta-D-galactopyranose-(1-4)-2-acetamido-2-deoxy-beta-D-glucopyranose'
3 water water
#
_entity_poly.entity_id   1
_entity_poly.type   'polypeptide(L)'
_entity_poly.pdbx_seq_one_letter_code
;EWTGDNTNAYYSDEVISELHVGQIDTSPYFCIKTVKANGSGTPVVACAVSKQSIWAPSFKELLDQARYFYSTGQSVRIHV
QKNIWTYPLFVNTFSANALVGLSSCSATQCFGPK
;
_entity_poly.pdbx_strand_id   A,B,C,D,E
#
loop_
_chem_comp.id
_chem_comp.type
_chem_comp.name
_chem_comp.formula
GAL D-saccharide, beta linking beta-D-galactopyranose 'C6 H12 O6'
NAG D-saccharide, beta linking 2-acetamido-2-deoxy-beta-D-glucopyranose 'C8 H15 N O6'
PKM D-saccharide, alpha linking '4-O-acetyl-5-acetamido-3,5-dideoxy-D-glycero-alpha-D-galacto-non-2-ulopyranosonic acid' 'C13 H21 N O10'
#
# COMPACT_ATOMS: atom_id res chain seq x y z
N GLU A 1 28.69 0.05 0.24
CA GLU A 1 28.14 -0.89 1.21
C GLU A 1 27.17 -1.86 0.53
N TRP A 2 26.97 -3.02 1.15
CA TRP A 2 26.04 -3.99 0.62
C TRP A 2 25.51 -4.85 1.76
N THR A 3 24.20 -5.08 1.74
CA THR A 3 23.54 -6.04 2.61
C THR A 3 24.39 -7.29 2.82
N GLY A 4 24.99 -7.80 1.74
CA GLY A 4 25.74 -9.05 1.76
C GLY A 4 27.19 -8.98 2.20
N ASP A 5 27.73 -7.80 2.51
CA ASP A 5 29.08 -7.72 3.04
C ASP A 5 29.25 -8.69 4.21
N ASN A 6 30.42 -9.31 4.28
CA ASN A 6 30.65 -10.28 5.34
C ASN A 6 30.90 -9.62 6.69
N THR A 7 30.98 -8.30 6.75
CA THR A 7 31.01 -7.59 8.03
C THR A 7 29.61 -7.37 8.60
N ASN A 8 28.57 -7.75 7.88
CA ASN A 8 27.23 -7.79 8.44
C ASN A 8 27.01 -9.19 9.03
N ALA A 9 25.88 -9.40 9.66
CA ALA A 9 25.52 -10.70 10.20
C ALA A 9 24.15 -11.12 9.68
N TYR A 10 23.93 -12.43 9.58
CA TYR A 10 22.62 -12.90 9.17
C TYR A 10 22.24 -14.13 9.97
N TYR A 11 20.93 -14.40 9.97
CA TYR A 11 20.33 -15.51 10.71
C TYR A 11 19.26 -16.10 9.80
N SER A 12 19.38 -17.39 9.50
CA SER A 12 18.53 -18.06 8.52
C SER A 12 17.40 -18.80 9.21
N ASP A 13 16.34 -19.08 8.44
CA ASP A 13 15.22 -19.89 8.91
C ASP A 13 14.57 -19.25 10.15
N GLU A 14 14.38 -17.94 10.10
CA GLU A 14 13.71 -17.18 11.15
C GLU A 14 12.30 -16.80 10.72
N VAL A 15 11.46 -16.50 11.70
CA VAL A 15 10.14 -15.92 11.46
C VAL A 15 10.06 -14.59 12.20
N ILE A 16 9.43 -13.59 11.59
CA ILE A 16 9.24 -12.30 12.23
C ILE A 16 8.11 -12.44 13.25
N SER A 17 8.45 -12.34 14.53
CA SER A 17 7.46 -12.60 15.57
C SER A 17 6.87 -11.35 16.20
N GLU A 18 7.54 -10.20 16.11
CA GLU A 18 7.03 -8.98 16.73
C GLU A 18 7.40 -7.79 15.85
N LEU A 19 6.58 -6.75 15.93
CA LEU A 19 6.77 -5.54 15.14
C LEU A 19 6.40 -4.31 15.95
N HIS A 20 7.21 -3.26 15.84
CA HIS A 20 7.02 -2.02 16.58
C HIS A 20 7.31 -0.84 15.67
N VAL A 21 6.49 0.22 15.74
CA VAL A 21 6.74 1.45 15.00
C VAL A 21 6.73 2.62 15.97
N GLY A 22 7.62 3.58 15.73
CA GLY A 22 7.66 4.76 16.57
C GLY A 22 8.43 5.88 15.91
N GLN A 23 8.87 6.82 16.75
CA GLN A 23 9.61 7.98 16.25
C GLN A 23 10.72 8.32 17.24
N ILE A 24 11.88 8.74 16.72
CA ILE A 24 13.00 9.16 17.54
C ILE A 24 13.72 10.30 16.82
N ASP A 25 13.91 11.42 17.52
CA ASP A 25 14.68 12.55 16.99
C ASP A 25 14.19 12.95 15.61
N THR A 26 12.87 13.13 15.49
CA THR A 26 12.11 13.50 14.29
C THR A 26 12.09 12.40 13.23
N SER A 27 12.68 11.21 13.47
CA SER A 27 12.69 10.14 12.49
C SER A 27 11.66 9.07 12.84
N PRO A 28 10.73 8.75 11.94
CA PRO A 28 10.01 7.47 12.06
C PRO A 28 11.02 6.33 12.08
N TYR A 29 10.74 5.31 12.89
CA TYR A 29 11.55 4.10 12.87
C TYR A 29 10.65 2.91 13.10
N PHE A 30 11.16 1.71 12.80
CA PHE A 30 10.47 0.49 13.19
C PHE A 30 11.52 -0.50 13.65
N CYS A 31 11.06 -1.49 14.43
CA CYS A 31 11.89 -2.60 14.88
C CYS A 31 11.13 -3.91 14.65
N ILE A 32 11.89 -4.99 14.47
CA ILE A 32 11.29 -6.33 14.42
C ILE A 32 12.06 -7.26 15.34
N LYS A 33 11.36 -8.27 15.84
CA LYS A 33 11.98 -9.38 16.54
C LYS A 33 11.75 -10.62 15.69
N THR A 34 12.80 -11.41 15.50
CA THR A 34 12.69 -12.68 14.79
C THR A 34 13.14 -13.81 15.71
N VAL A 35 12.59 -15.00 15.49
CA VAL A 35 12.98 -16.21 16.19
C VAL A 35 13.12 -17.32 15.17
N LYS A 36 13.88 -18.35 15.51
CA LYS A 36 13.96 -19.51 14.62
C LYS A 36 12.57 -20.05 14.35
N ALA A 37 12.34 -20.51 13.14
CA ALA A 37 11.06 -21.13 12.81
C ALA A 37 10.80 -22.35 13.70
N ASN A 38 11.85 -23.02 14.19
CA ASN A 38 11.64 -24.14 15.08
C ASN A 38 11.66 -23.75 16.56
N GLY A 39 11.75 -22.46 16.87
CA GLY A 39 11.69 -22.00 18.24
C GLY A 39 12.99 -22.09 19.03
N SER A 40 14.03 -22.73 18.48
CA SER A 40 15.30 -22.86 19.17
C SER A 40 16.04 -21.51 19.19
N GLY A 41 17.02 -21.38 20.08
CA GLY A 41 17.92 -20.25 20.05
C GLY A 41 17.35 -18.98 20.67
N THR A 42 18.07 -17.84 20.39
CA THR A 42 17.79 -16.53 20.97
C THR A 42 17.20 -15.60 19.91
N PRO A 43 16.24 -14.76 20.28
CA PRO A 43 15.63 -13.85 19.28
C PRO A 43 16.66 -12.88 18.73
N VAL A 44 16.41 -12.41 17.52
CA VAL A 44 17.19 -11.34 16.92
C VAL A 44 16.31 -10.09 16.89
N VAL A 45 16.86 -8.97 17.33
CA VAL A 45 16.13 -7.70 17.31
C VAL A 45 16.91 -6.75 16.42
N ALA A 46 16.22 -6.12 15.47
CA ALA A 46 16.86 -5.15 14.60
C ALA A 46 15.86 -4.05 14.27
N CYS A 47 16.38 -2.86 14.04
CA CYS A 47 15.57 -1.67 13.79
C CYS A 47 16.09 -0.95 12.56
N ALA A 48 15.23 -0.14 11.98
CA ALA A 48 15.59 0.79 10.91
C ALA A 48 15.08 2.17 11.30
N VAL A 49 15.88 3.20 11.08
CA VAL A 49 15.53 4.57 11.44
C VAL A 49 15.60 5.42 10.17
N SER A 50 14.49 6.10 9.83
CA SER A 50 14.34 6.60 8.47
C SER A 50 15.43 7.58 8.06
N LYS A 51 15.96 8.38 8.97
CA LYS A 51 16.95 9.38 8.55
C LYS A 51 18.33 9.12 9.15
N GLN A 52 18.61 7.91 9.62
CA GLN A 52 19.85 7.63 10.33
C GLN A 52 20.48 6.34 9.83
N SER A 53 21.82 6.31 9.90
CA SER A 53 22.66 5.19 9.48
C SER A 53 22.82 5.18 7.97
N ILE A 54 23.84 4.50 7.46
CA ILE A 54 24.05 4.40 6.03
C ILE A 54 22.91 3.67 5.35
N TRP A 55 22.09 2.96 6.13
CA TRP A 55 20.98 2.17 5.59
C TRP A 55 19.67 2.94 5.50
N ALA A 56 19.68 4.22 5.84
CA ALA A 56 18.47 5.04 5.73
C ALA A 56 17.80 4.99 4.36
N PRO A 57 18.52 4.93 3.24
CA PRO A 57 17.83 4.91 1.93
C PRO A 57 16.85 3.77 1.75
N SER A 58 17.05 2.65 2.45
CA SER A 58 16.18 1.49 2.29
C SER A 58 15.08 1.40 3.34
N PHE A 59 14.86 2.47 4.10
CA PHE A 59 13.89 2.41 5.19
C PHE A 59 12.51 1.94 4.73
N LYS A 60 11.92 2.61 3.72
CA LYS A 60 10.55 2.28 3.33
C LYS A 60 10.46 0.88 2.73
N GLU A 61 11.42 0.51 1.88
CA GLU A 61 11.43 -0.84 1.31
C GLU A 61 11.51 -1.90 2.39
N LEU A 62 12.39 -1.70 3.39
CA LEU A 62 12.51 -2.69 4.46
C LEU A 62 11.25 -2.73 5.32
N LEU A 63 10.69 -1.56 5.64
CA LEU A 63 9.44 -1.55 6.40
C LEU A 63 8.34 -2.32 5.67
N ASP A 64 8.15 -2.03 4.37
CA ASP A 64 7.11 -2.74 3.62
C ASP A 64 7.40 -4.23 3.60
N GLN A 65 8.66 -4.61 3.38
CA GLN A 65 9.00 -6.03 3.29
C GLN A 65 8.88 -6.72 4.64
N ALA A 66 9.30 -6.04 5.72
CA ALA A 66 9.12 -6.63 7.04
C ALA A 66 7.64 -6.83 7.34
N ARG A 67 6.81 -5.84 7.00
CA ARG A 67 5.38 -5.99 7.21
C ARG A 67 4.84 -7.17 6.42
N TYR A 68 5.31 -7.37 5.17
CA TYR A 68 4.84 -8.50 4.38
C TYR A 68 5.19 -9.83 5.04
N PHE A 69 6.48 -10.05 5.32
CA PHE A 69 6.90 -11.32 5.92
C PHE A 69 6.27 -11.54 7.29
N TYR A 70 6.08 -10.45 8.06
CA TYR A 70 5.35 -10.55 9.32
C TYR A 70 3.94 -11.05 9.11
N SER A 71 3.25 -10.53 8.09
CA SER A 71 1.86 -10.95 7.88
C SER A 71 1.79 -12.40 7.44
N THR A 72 2.76 -12.88 6.64
CA THR A 72 2.69 -14.28 6.21
C THR A 72 3.27 -15.25 7.24
N GLY A 73 4.19 -14.78 8.10
CA GLY A 73 4.80 -15.73 9.01
C GLY A 73 5.81 -16.65 8.40
N GLN A 74 6.20 -16.42 7.14
CA GLN A 74 7.06 -17.38 6.48
C GLN A 74 8.49 -17.26 6.97
N SER A 75 9.28 -18.30 6.68
CA SER A 75 10.67 -18.36 7.07
C SER A 75 11.49 -17.39 6.23
N VAL A 76 12.43 -16.69 6.87
CA VAL A 76 13.27 -15.70 6.21
C VAL A 76 14.69 -15.75 6.77
N ARG A 77 15.61 -15.15 6.03
CA ARG A 77 16.91 -14.83 6.55
C ARG A 77 16.92 -13.33 6.84
N ILE A 78 17.33 -12.96 8.05
CA ILE A 78 17.43 -11.56 8.43
C ILE A 78 18.90 -11.18 8.39
N HIS A 79 19.20 -10.05 7.76
CA HIS A 79 20.53 -9.49 7.69
C HIS A 79 20.58 -8.20 8.51
N VAL A 80 21.59 -8.06 9.34
CA VAL A 80 21.75 -6.89 10.19
C VAL A 80 23.20 -6.43 10.15
N GLN A 81 23.42 -5.17 10.52
CA GLN A 81 24.74 -4.68 10.86
C GLN A 81 24.75 -4.38 12.35
N LYS A 82 25.72 -4.96 13.07
CA LYS A 82 25.75 -4.84 14.52
C LYS A 82 26.35 -3.49 14.93
N ASN A 83 26.02 -3.08 16.17
CA ASN A 83 26.68 -1.96 16.83
C ASN A 83 26.47 -0.63 16.09
N ILE A 84 25.24 -0.37 15.66
CA ILE A 84 24.91 0.81 14.90
C ILE A 84 24.18 1.84 15.75
N TRP A 85 23.08 1.46 16.41
CA TRP A 85 22.32 2.43 17.20
C TRP A 85 23.04 2.70 18.51
N THR A 86 22.95 3.95 18.98
CA THR A 86 23.77 4.42 20.09
C THR A 86 23.01 5.10 21.23
N TYR A 87 21.74 5.46 21.06
CA TYR A 87 20.99 6.04 22.16
C TYR A 87 20.78 4.96 23.22
N PRO A 88 21.35 5.09 24.41
CA PRO A 88 21.40 3.93 25.33
C PRO A 88 20.04 3.35 25.68
N LEU A 89 19.03 4.18 25.96
CA LEU A 89 17.72 3.62 26.31
C LEU A 89 17.12 2.86 25.13
N PHE A 90 17.32 3.38 23.92
CA PHE A 90 16.86 2.69 22.72
C PHE A 90 17.54 1.34 22.58
N VAL A 91 18.87 1.30 22.75
CA VAL A 91 19.58 0.04 22.63
C VAL A 91 19.14 -0.92 23.73
N ASN A 92 18.88 -0.40 24.94
CA ASN A 92 18.42 -1.24 26.04
C ASN A 92 17.07 -1.86 25.75
N THR A 93 16.17 -1.08 25.11
CA THR A 93 14.84 -1.59 24.80
C THR A 93 14.86 -2.54 23.62
N PHE A 94 15.65 -2.23 22.59
CA PHE A 94 15.66 -3.03 21.36
C PHE A 94 17.04 -3.63 21.23
N SER A 95 17.90 -3.07 20.39
CA SER A 95 19.26 -3.57 20.16
C SER A 95 20.00 -2.48 19.42
N ALA A 96 21.31 -2.66 19.27
CA ALA A 96 22.09 -1.79 18.40
C ALA A 96 22.07 -2.23 16.93
N ASN A 97 21.37 -3.33 16.60
CA ASN A 97 21.37 -3.87 15.24
C ASN A 97 20.57 -3.01 14.28
N ALA A 98 21.19 -2.60 13.18
CA ALA A 98 20.46 -2.03 12.07
C ALA A 98 20.01 -3.16 11.14
N LEU A 99 18.74 -3.11 10.71
CA LEU A 99 18.24 -4.07 9.73
C LEU A 99 18.71 -3.67 8.34
N VAL A 100 19.31 -4.61 7.61
CA VAL A 100 19.88 -4.25 6.31
C VAL A 100 19.38 -5.15 5.19
N GLY A 101 18.62 -6.20 5.50
CA GLY A 101 18.13 -7.06 4.45
C GLY A 101 17.19 -8.14 4.96
N LEU A 102 16.29 -8.61 4.08
CA LEU A 102 15.37 -9.72 4.36
C LEU A 102 15.28 -10.63 3.14
N SER A 103 15.49 -11.94 3.33
CA SER A 103 15.45 -12.91 2.25
C SER A 103 14.47 -14.03 2.58
N SER A 104 13.63 -14.40 1.61
CA SER A 104 12.77 -15.57 1.80
C SER A 104 13.61 -16.84 1.79
N CYS A 105 13.15 -17.84 2.55
CA CYS A 105 13.86 -19.11 2.74
C CYS A 105 12.97 -20.27 2.34
N SER A 106 13.52 -21.17 1.53
CA SER A 106 12.88 -22.47 1.30
C SER A 106 13.27 -23.42 2.43
N ALA A 107 12.86 -24.68 2.30
CA ALA A 107 13.23 -25.67 3.32
C ALA A 107 14.73 -25.94 3.30
N THR A 108 15.38 -25.76 2.15
CA THR A 108 16.79 -26.09 1.96
C THR A 108 17.68 -24.89 1.75
N GLN A 109 17.13 -23.75 1.32
CA GLN A 109 17.92 -22.59 0.91
C GLN A 109 17.29 -21.33 1.49
N CYS A 110 18.08 -20.25 1.52
CA CYS A 110 17.55 -18.89 1.62
C CYS A 110 18.03 -18.12 0.41
N PHE A 111 17.17 -17.20 -0.08
CA PHE A 111 17.45 -16.49 -1.33
C PHE A 111 18.11 -15.16 -0.99
N GLY A 112 19.40 -15.22 -0.70
CA GLY A 112 20.15 -14.04 -0.35
C GLY A 112 21.59 -14.37 -0.09
N PRO A 113 22.39 -13.36 0.22
CA PRO A 113 23.83 -13.60 0.42
C PRO A 113 24.08 -14.42 1.68
N LYS A 114 25.19 -15.15 1.66
CA LYS A 114 25.60 -16.06 2.73
C LYS A 114 27.13 -16.09 2.93
N GLU B 1 13.25 13.81 21.10
CA GLU B 1 12.07 13.11 21.59
C GLU B 1 12.12 11.65 21.16
N TRP B 2 11.39 10.79 21.87
CA TRP B 2 11.33 9.37 21.54
C TRP B 2 10.01 8.80 22.05
N THR B 3 9.38 7.99 21.22
CA THR B 3 8.24 7.18 21.62
C THR B 3 8.39 6.66 23.03
N GLY B 4 9.59 6.17 23.36
CA GLY B 4 9.89 5.56 24.64
C GLY B 4 10.24 6.51 25.79
N ASP B 5 10.25 7.83 25.61
CA ASP B 5 10.49 8.75 26.72
C ASP B 5 9.53 8.43 27.87
N ASN B 6 10.04 8.56 29.11
CA ASN B 6 9.20 8.22 30.23
C ASN B 6 8.13 9.27 30.53
N THR B 7 8.17 10.43 29.86
CA THR B 7 7.08 11.40 29.94
C THR B 7 5.92 11.08 29.00
N ASN B 8 6.01 10.00 28.22
CA ASN B 8 4.88 9.51 27.49
C ASN B 8 4.16 8.46 28.32
N ALA B 9 2.97 8.06 27.89
CA ALA B 9 2.19 7.04 28.57
C ALA B 9 1.94 5.89 27.61
N TYR B 10 1.73 4.69 28.13
CA TYR B 10 1.41 3.56 27.26
C TYR B 10 0.43 2.64 27.96
N TYR B 11 -0.26 1.82 27.16
CA TYR B 11 -1.26 0.89 27.64
C TYR B 11 -1.05 -0.45 26.95
N SER B 12 -0.88 -1.51 27.72
CA SER B 12 -0.48 -2.81 27.19
C SER B 12 -1.70 -3.70 26.98
N ASP B 13 -1.54 -4.68 26.08
CA ASP B 13 -2.55 -5.71 25.87
C ASP B 13 -3.91 -5.09 25.50
N GLU B 14 -3.86 -4.15 24.56
CA GLU B 14 -5.05 -3.48 24.03
C GLU B 14 -5.36 -4.00 22.64
N VAL B 15 -6.64 -3.90 22.27
CA VAL B 15 -7.12 -4.22 20.93
C VAL B 15 -7.66 -2.93 20.32
N ILE B 16 -7.26 -2.64 19.08
CA ILE B 16 -7.78 -1.46 18.38
C ILE B 16 -9.19 -1.81 17.92
N SER B 17 -10.19 -1.12 18.49
CA SER B 17 -11.59 -1.47 18.25
C SER B 17 -12.31 -0.52 17.30
N GLU B 18 -11.82 0.70 17.11
CA GLU B 18 -12.46 1.64 16.21
C GLU B 18 -11.41 2.48 15.49
N LEU B 19 -11.77 2.97 14.30
CA LEU B 19 -10.86 3.76 13.48
C LEU B 19 -11.66 4.85 12.77
N HIS B 20 -11.13 6.07 12.79
CA HIS B 20 -11.75 7.24 12.18
C HIS B 20 -10.70 8.03 11.40
N VAL B 21 -11.08 8.51 10.21
CA VAL B 21 -10.21 9.37 9.42
C VAL B 21 -10.98 10.63 9.03
N GLY B 22 -10.35 11.80 9.20
CA GLY B 22 -11.00 13.05 8.88
C GLY B 22 -9.98 14.13 8.55
N GLN B 23 -10.41 15.40 8.58
CA GLN B 23 -9.50 16.52 8.35
C GLN B 23 -9.76 17.61 9.38
N ILE B 24 -8.68 18.22 9.89
CA ILE B 24 -8.86 19.39 10.76
C ILE B 24 -7.78 20.42 10.48
N ASP B 25 -8.20 21.67 10.30
CA ASP B 25 -7.29 22.80 10.14
C ASP B 25 -6.19 22.49 9.11
N THR B 26 -6.63 22.11 7.91
CA THR B 26 -5.86 21.76 6.73
C THR B 26 -5.18 20.40 6.82
N SER B 27 -5.34 19.66 7.92
CA SER B 27 -4.56 18.44 8.14
C SER B 27 -5.42 17.20 8.10
N PRO B 28 -5.14 16.22 7.25
CA PRO B 28 -5.74 14.90 7.47
C PRO B 28 -5.30 14.39 8.82
N TYR B 29 -6.18 13.63 9.47
CA TYR B 29 -5.85 13.02 10.75
C TYR B 29 -6.56 11.67 10.88
N PHE B 30 -6.12 10.86 11.83
CA PHE B 30 -6.87 9.67 12.17
C PHE B 30 -6.86 9.50 13.68
N CYS B 31 -7.90 8.84 14.18
CA CYS B 31 -8.00 8.49 15.59
C CYS B 31 -8.30 7.02 15.71
N ILE B 32 -7.83 6.41 16.81
CA ILE B 32 -8.19 5.04 17.11
C ILE B 32 -8.76 4.98 18.52
N LYS B 33 -9.64 4.00 18.75
CA LYS B 33 -10.05 3.62 20.09
C LYS B 33 -9.54 2.22 20.37
N THR B 34 -9.01 2.00 21.58
CA THR B 34 -8.53 0.69 21.98
C THR B 34 -9.16 0.30 23.30
N VAL B 35 -9.36 -1.00 23.49
CA VAL B 35 -9.93 -1.54 24.72
C VAL B 35 -9.09 -2.74 25.14
N LYS B 36 -9.03 -2.98 26.45
CA LYS B 36 -8.21 -4.08 26.96
C LYS B 36 -8.67 -5.38 26.34
N ALA B 37 -7.70 -6.23 25.96
CA ALA B 37 -8.06 -7.50 25.33
C ALA B 37 -8.89 -8.37 26.27
N ASN B 38 -8.69 -8.25 27.58
CA ASN B 38 -9.39 -9.08 28.55
C ASN B 38 -10.68 -8.46 29.09
N GLY B 39 -11.02 -7.25 28.69
CA GLY B 39 -12.28 -6.62 29.06
C GLY B 39 -12.19 -5.62 30.20
N SER B 40 -11.11 -5.64 30.99
CA SER B 40 -11.01 -4.72 32.12
C SER B 40 -10.75 -3.29 31.64
N GLY B 41 -11.03 -2.33 32.52
CA GLY B 41 -10.60 -0.97 32.31
C GLY B 41 -11.48 -0.15 31.38
N THR B 42 -10.91 0.98 30.95
CA THR B 42 -11.50 2.08 30.21
C THR B 42 -10.85 2.24 28.84
N PRO B 43 -11.63 2.52 27.80
CA PRO B 43 -11.03 2.67 26.46
C PRO B 43 -9.99 3.77 26.43
N VAL B 44 -9.02 3.59 25.53
CA VAL B 44 -8.00 4.60 25.24
C VAL B 44 -8.30 5.16 23.86
N VAL B 45 -8.24 6.48 23.73
CA VAL B 45 -8.38 7.16 22.44
C VAL B 45 -7.13 7.97 22.19
N ALA B 46 -6.59 7.85 20.98
CA ALA B 46 -5.42 8.63 20.59
C ALA B 46 -5.54 8.99 19.10
N CYS B 47 -4.90 10.09 18.72
CA CYS B 47 -5.01 10.58 17.37
C CYS B 47 -3.64 11.00 16.88
N ALA B 48 -3.47 10.96 15.56
CA ALA B 48 -2.31 11.52 14.89
C ALA B 48 -2.81 12.49 13.84
N VAL B 49 -2.16 13.65 13.74
CA VAL B 49 -2.60 14.72 12.86
C VAL B 49 -1.43 15.09 11.95
N SER B 50 -1.64 14.96 10.64
CA SER B 50 -0.60 15.27 9.66
C SER B 50 -0.09 16.70 9.82
N LYS B 51 1.23 16.84 9.78
CA LYS B 51 1.93 18.13 9.86
C LYS B 51 1.61 18.90 11.13
N GLN B 52 1.19 18.22 12.20
CA GLN B 52 0.89 18.87 13.48
C GLN B 52 1.50 18.09 14.64
N SER B 53 2.12 18.82 15.58
CA SER B 53 2.84 18.31 16.74
C SER B 53 4.22 17.79 16.34
N ILE B 54 5.10 17.56 17.33
CA ILE B 54 6.42 17.00 17.04
C ILE B 54 6.31 15.62 16.41
N TRP B 55 5.18 14.93 16.58
CA TRP B 55 5.01 13.57 16.06
C TRP B 55 4.61 13.53 14.59
N ALA B 56 4.47 14.69 13.94
CA ALA B 56 4.03 14.77 12.56
C ALA B 56 4.77 13.83 11.61
N PRO B 57 6.11 13.75 11.64
CA PRO B 57 6.79 12.90 10.64
C PRO B 57 6.33 11.46 10.64
N SER B 58 5.79 10.97 11.76
CA SER B 58 5.38 9.57 11.89
C SER B 58 3.96 9.31 11.42
N PHE B 59 3.26 10.35 10.96
CA PHE B 59 1.84 10.23 10.66
C PHE B 59 1.54 9.04 9.76
N LYS B 60 2.25 8.94 8.62
CA LYS B 60 1.91 7.91 7.63
C LYS B 60 2.20 6.51 8.17
N GLU B 61 3.38 6.34 8.78
CA GLU B 61 3.78 5.03 9.30
C GLU B 61 2.83 4.54 10.38
N LEU B 62 2.41 5.44 11.27
CA LEU B 62 1.46 5.10 12.33
C LEU B 62 0.06 4.81 11.78
N LEU B 63 -0.39 5.59 10.79
CA LEU B 63 -1.70 5.30 10.20
C LEU B 63 -1.70 3.90 9.59
N ASP B 64 -0.68 3.59 8.80
CA ASP B 64 -0.59 2.26 8.18
C ASP B 64 -0.49 1.17 9.23
N GLN B 65 0.28 1.41 10.29
CA GLN B 65 0.40 0.37 11.31
C GLN B 65 -0.89 0.19 12.07
N ALA B 66 -1.60 1.28 12.37
CA ALA B 66 -2.87 1.18 13.08
C ALA B 66 -3.89 0.42 12.24
N ARG B 67 -3.92 0.68 10.93
CA ARG B 67 -4.82 -0.05 10.03
C ARG B 67 -4.55 -1.55 10.10
N TYR B 68 -3.26 -1.93 10.05
CA TYR B 68 -2.95 -3.36 10.10
C TYR B 68 -3.36 -3.96 11.44
N PHE B 69 -2.94 -3.35 12.55
CA PHE B 69 -3.30 -3.92 13.85
C PHE B 69 -4.81 -3.92 14.05
N TYR B 70 -5.50 -2.89 13.52
CA TYR B 70 -6.96 -2.89 13.55
C TYR B 70 -7.56 -4.07 12.79
N SER B 71 -6.98 -4.40 11.63
CA SER B 71 -7.53 -5.47 10.81
C SER B 71 -7.32 -6.86 11.42
N THR B 72 -6.23 -7.08 12.15
CA THR B 72 -5.99 -8.37 12.77
C THR B 72 -6.68 -8.54 14.13
N GLY B 73 -6.93 -7.44 14.83
CA GLY B 73 -7.46 -7.58 16.17
C GLY B 73 -6.48 -8.08 17.21
N GLN B 74 -5.19 -8.15 16.87
CA GLN B 74 -4.20 -8.65 17.81
C GLN B 74 -3.97 -7.66 18.96
N SER B 75 -3.40 -8.18 20.04
CA SER B 75 -3.17 -7.39 21.25
C SER B 75 -1.91 -6.55 21.07
N VAL B 76 -2.00 -5.26 21.38
CA VAL B 76 -0.90 -4.34 21.15
C VAL B 76 -0.70 -3.45 22.36
N ARG B 77 0.48 -2.83 22.41
CA ARG B 77 0.74 -1.72 23.32
C ARG B 77 0.60 -0.42 22.57
N ILE B 78 -0.17 0.51 23.12
CA ILE B 78 -0.35 1.82 22.50
C ILE B 78 0.42 2.84 23.33
N HIS B 79 1.23 3.64 22.66
CA HIS B 79 2.03 4.69 23.28
C HIS B 79 1.46 6.04 22.86
N VAL B 80 1.30 6.95 23.82
CA VAL B 80 0.72 8.26 23.56
C VAL B 80 1.52 9.31 24.31
N GLN B 81 1.39 10.56 23.86
CA GLN B 81 1.76 11.72 24.65
C GLN B 81 0.49 12.50 24.96
N LYS B 82 0.25 12.73 26.25
CA LYS B 82 -1.01 13.33 26.69
C LYS B 82 -1.01 14.84 26.42
N ASN B 83 -2.22 15.40 26.28
CA ASN B 83 -2.43 16.85 26.30
C ASN B 83 -1.71 17.57 25.16
N ILE B 84 -1.81 17.02 23.95
CA ILE B 84 -1.20 17.61 22.76
C ILE B 84 -2.22 18.35 21.90
N TRP B 85 -3.34 17.70 21.58
CA TRP B 85 -4.37 18.36 20.79
C TRP B 85 -5.16 19.30 21.69
N THR B 86 -5.36 20.54 21.24
CA THR B 86 -6.07 21.52 22.06
C THR B 86 -7.42 21.96 21.50
N TYR B 87 -7.72 21.69 20.22
CA TYR B 87 -9.04 21.98 19.67
C TYR B 87 -10.14 21.40 20.54
N PRO B 88 -10.92 22.23 21.25
CA PRO B 88 -11.79 21.66 22.30
C PRO B 88 -12.88 20.74 21.79
N LEU B 89 -13.50 21.03 20.63
CA LEU B 89 -14.53 20.11 20.15
C LEU B 89 -13.93 18.79 19.70
N PHE B 90 -12.78 18.88 19.01
CA PHE B 90 -12.03 17.67 18.65
C PHE B 90 -11.71 16.85 19.89
N VAL B 91 -11.13 17.50 20.91
CA VAL B 91 -10.76 16.83 22.15
C VAL B 91 -11.97 16.13 22.76
N ASN B 92 -13.11 16.82 22.79
CA ASN B 92 -14.30 16.27 23.41
C ASN B 92 -14.80 15.04 22.66
N THR B 93 -14.68 15.04 21.32
CA THR B 93 -15.10 13.89 20.54
C THR B 93 -14.10 12.75 20.68
N PHE B 94 -12.81 13.08 20.75
CA PHE B 94 -11.74 12.09 20.68
C PHE B 94 -10.92 12.20 21.95
N SER B 95 -9.73 12.80 21.90
CA SER B 95 -8.91 13.00 23.09
C SER B 95 -7.84 14.02 22.74
N ALA B 96 -7.11 14.43 23.76
CA ALA B 96 -5.91 15.22 23.51
C ALA B 96 -4.66 14.37 23.33
N ASN B 97 -4.79 13.04 23.35
CA ASN B 97 -3.62 12.15 23.21
C ASN B 97 -3.08 12.15 21.79
N ALA B 98 -1.79 12.40 21.64
CA ALA B 98 -1.10 12.11 20.39
C ALA B 98 -0.65 10.65 20.40
N LEU B 99 -0.96 9.93 19.32
CA LEU B 99 -0.40 8.60 19.16
C LEU B 99 1.06 8.71 18.78
N VAL B 100 1.94 8.02 19.52
CA VAL B 100 3.38 8.13 19.29
C VAL B 100 4.05 6.78 19.04
N GLY B 101 3.32 5.68 19.14
CA GLY B 101 3.91 4.37 18.94
C GLY B 101 2.90 3.24 19.08
N LEU B 102 3.18 2.11 18.42
CA LEU B 102 2.38 0.90 18.49
C LEU B 102 3.32 -0.30 18.52
N SER B 103 3.02 -1.27 19.40
CA SER B 103 3.89 -2.41 19.65
C SER B 103 3.04 -3.68 19.69
N SER B 104 3.50 -4.73 19.00
CA SER B 104 2.83 -6.02 19.15
C SER B 104 3.14 -6.59 20.55
N CYS B 105 2.30 -7.52 20.99
CA CYS B 105 2.38 -8.09 22.34
C CYS B 105 2.38 -9.60 22.25
N SER B 106 3.14 -10.23 23.14
CA SER B 106 3.10 -11.68 23.32
C SER B 106 2.29 -11.99 24.57
N ALA B 107 2.34 -13.26 25.01
CA ALA B 107 1.66 -13.64 26.26
C ALA B 107 2.27 -12.97 27.48
N THR B 108 3.59 -12.69 27.45
CA THR B 108 4.25 -12.18 28.64
C THR B 108 4.74 -10.75 28.51
N GLN B 109 4.87 -10.21 27.30
CA GLN B 109 5.54 -8.93 27.11
C GLN B 109 4.91 -8.22 25.93
N CYS B 110 5.25 -6.95 25.77
CA CYS B 110 5.02 -6.26 24.51
C CYS B 110 6.35 -5.79 23.96
N PHE B 111 6.44 -5.73 22.62
CA PHE B 111 7.71 -5.47 21.95
C PHE B 111 7.87 -3.96 21.75
N GLY B 112 8.19 -3.27 22.84
CA GLY B 112 8.39 -1.84 22.79
C GLY B 112 8.81 -1.28 24.13
N PRO B 113 9.02 0.04 24.21
CA PRO B 113 9.51 0.63 25.45
C PRO B 113 8.47 0.52 26.56
N LYS B 114 9.01 0.59 27.78
CA LYS B 114 8.28 0.50 29.04
C LYS B 114 8.99 1.43 30.02
N GLU C 1 13.87 3.41 -24.85
CA GLU C 1 13.88 2.03 -24.37
C GLU C 1 12.44 1.58 -24.09
N TRP C 2 12.22 0.27 -24.12
CA TRP C 2 10.92 -0.31 -23.81
C TRP C 2 11.16 -1.71 -23.29
N THR C 3 10.38 -2.08 -22.26
CA THR C 3 10.29 -3.46 -21.80
C THR C 3 10.26 -4.45 -22.98
N GLY C 4 9.54 -4.09 -24.03
CA GLY C 4 9.36 -4.99 -25.16
C GLY C 4 10.45 -5.01 -26.22
N ASP C 5 11.51 -4.20 -26.08
CA ASP C 5 12.60 -4.22 -27.06
C ASP C 5 13.10 -5.64 -27.28
N ASN C 6 13.42 -5.94 -28.54
CA ASN C 6 13.90 -7.28 -28.89
C ASN C 6 15.28 -7.57 -28.31
N THR C 7 16.00 -6.55 -27.85
CA THR C 7 17.26 -6.73 -27.15
C THR C 7 17.08 -7.14 -25.69
N ASN C 8 15.84 -7.24 -25.22
CA ASN C 8 15.55 -7.81 -23.91
C ASN C 8 15.14 -9.27 -24.08
N ALA C 9 15.13 -9.99 -22.96
CA ALA C 9 14.80 -11.41 -22.94
C ALA C 9 13.62 -11.65 -21.99
N TYR C 10 12.88 -12.74 -22.22
CA TYR C 10 11.78 -13.03 -21.32
C TYR C 10 11.62 -14.53 -21.16
N TYR C 11 10.88 -14.91 -20.13
CA TYR C 11 10.69 -16.30 -19.74
C TYR C 11 9.24 -16.44 -19.29
N SER C 12 8.48 -17.28 -19.99
CA SER C 12 7.04 -17.41 -19.78
C SER C 12 6.70 -18.60 -18.87
N ASP C 13 5.47 -18.59 -18.35
CA ASP C 13 4.99 -19.70 -17.53
C ASP C 13 5.90 -19.94 -16.33
N GLU C 14 6.37 -18.84 -15.72
CA GLU C 14 7.19 -18.88 -14.51
C GLU C 14 6.37 -18.52 -13.28
N VAL C 15 6.88 -18.94 -12.12
CA VAL C 15 6.30 -18.58 -10.84
C VAL C 15 7.40 -17.91 -10.02
N ILE C 16 7.07 -16.78 -9.38
CA ILE C 16 8.02 -16.12 -8.51
C ILE C 16 8.11 -16.93 -7.22
N SER C 17 9.26 -17.55 -6.97
CA SER C 17 9.40 -18.49 -5.87
C SER C 17 10.17 -17.94 -4.67
N GLU C 18 10.94 -16.86 -4.86
CA GLU C 18 11.70 -16.27 -3.76
C GLU C 18 11.77 -14.77 -3.97
N LEU C 19 11.94 -14.05 -2.86
CA LEU C 19 12.00 -12.59 -2.87
C LEU C 19 13.01 -12.12 -1.83
N HIS C 20 13.84 -11.14 -2.22
CA HIS C 20 14.87 -10.59 -1.36
C HIS C 20 14.88 -9.08 -1.51
N VAL C 21 15.04 -8.37 -0.39
CA VAL C 21 15.17 -6.91 -0.38
C VAL C 21 16.43 -6.56 0.39
N GLY C 22 17.18 -5.58 -0.10
CA GLY C 22 18.42 -5.17 0.51
C GLY C 22 18.83 -3.82 0.01
N GLN C 23 20.09 -3.47 0.21
CA GLN C 23 20.63 -2.19 -0.24
C GLN C 23 22.06 -2.38 -0.75
N ILE C 24 22.41 -1.68 -1.82
CA ILE C 24 23.78 -1.74 -2.34
C ILE C 24 24.17 -0.37 -2.87
N ASP C 25 25.35 0.12 -2.46
CA ASP C 25 25.90 1.37 -2.98
C ASP C 25 24.87 2.49 -2.97
N THR C 26 24.25 2.68 -1.81
CA THR C 26 23.25 3.70 -1.45
C THR C 26 21.85 3.39 -1.98
N SER C 27 21.66 2.32 -2.76
CA SER C 27 20.36 2.08 -3.39
C SER C 27 19.65 0.89 -2.77
N PRO C 28 18.41 1.04 -2.31
CA PRO C 28 17.59 -0.14 -2.04
C PRO C 28 17.41 -0.91 -3.33
N TYR C 29 17.28 -2.23 -3.20
CA TYR C 29 17.09 -3.08 -4.36
C TYR C 29 16.28 -4.29 -3.93
N PHE C 30 15.74 -4.98 -4.92
CA PHE C 30 15.16 -6.29 -4.67
C PHE C 30 15.52 -7.22 -5.81
N CYS C 31 15.47 -8.52 -5.49
CA CYS C 31 15.68 -9.58 -6.46
C CYS C 31 14.56 -10.60 -6.30
N ILE C 32 14.29 -11.31 -7.40
CA ILE C 32 13.34 -12.41 -7.38
C ILE C 32 13.97 -13.62 -8.05
N LYS C 33 13.54 -14.79 -7.61
CA LYS C 33 13.82 -16.05 -8.28
C LYS C 33 12.52 -16.60 -8.82
N THR C 34 12.53 -17.05 -10.07
CA THR C 34 11.37 -17.68 -10.68
C THR C 34 11.76 -19.06 -11.19
N VAL C 35 10.79 -19.97 -11.15
CA VAL C 35 10.94 -21.33 -11.67
C VAL C 35 9.75 -21.63 -12.55
N LYS C 36 9.94 -22.57 -13.47
CA LYS C 36 8.84 -22.97 -14.34
C LYS C 36 7.66 -23.45 -13.51
N ALA C 37 6.47 -22.97 -13.85
CA ALA C 37 5.27 -23.40 -13.14
C ALA C 37 5.15 -24.92 -13.11
N ASN C 38 5.64 -25.61 -14.14
CA ASN C 38 5.49 -27.05 -14.22
C ASN C 38 6.68 -27.82 -13.65
N GLY C 39 7.67 -27.13 -13.07
CA GLY C 39 8.77 -27.79 -12.41
C GLY C 39 10.00 -28.06 -13.26
N SER C 40 9.96 -27.75 -14.56
CA SER C 40 11.10 -28.05 -15.42
C SER C 40 12.09 -26.88 -15.44
N GLY C 41 13.17 -27.04 -16.21
CA GLY C 41 14.08 -25.95 -16.48
C GLY C 41 14.96 -25.56 -15.30
N THR C 42 15.57 -24.38 -15.42
CA THR C 42 16.47 -23.82 -14.44
C THR C 42 15.96 -22.47 -13.96
N PRO C 43 16.17 -22.12 -12.69
CA PRO C 43 15.61 -20.86 -12.18
C PRO C 43 16.09 -19.66 -12.97
N VAL C 44 15.27 -18.63 -13.00
CA VAL C 44 15.65 -17.31 -13.50
C VAL C 44 15.77 -16.37 -12.31
N VAL C 45 16.84 -15.59 -12.24
CA VAL C 45 17.01 -14.58 -11.21
C VAL C 45 17.13 -13.21 -11.87
N ALA C 46 16.47 -12.21 -11.28
CA ALA C 46 16.53 -10.85 -11.79
C ALA C 46 16.39 -9.87 -10.62
N CYS C 47 16.98 -8.69 -10.78
CA CYS C 47 17.02 -7.69 -9.72
C CYS C 47 16.69 -6.33 -10.31
N ALA C 48 16.17 -5.45 -9.44
CA ALA C 48 15.95 -4.05 -9.76
C ALA C 48 16.60 -3.23 -8.66
N VAL C 49 17.34 -2.19 -9.03
CA VAL C 49 18.13 -1.39 -8.10
C VAL C 49 17.68 0.06 -8.22
N SER C 50 17.18 0.61 -7.12
CA SER C 50 16.71 1.98 -7.12
C SER C 50 17.80 2.93 -7.62
N LYS C 51 17.41 3.84 -8.52
CA LYS C 51 18.31 4.89 -9.00
C LYS C 51 19.52 4.36 -9.76
N GLN C 52 19.47 3.10 -10.24
CA GLN C 52 20.55 2.51 -10.99
C GLN C 52 20.02 1.81 -12.24
N SER C 53 20.74 2.02 -13.36
CA SER C 53 20.40 1.49 -14.69
C SER C 53 19.32 2.33 -15.34
N ILE C 54 19.11 2.16 -16.65
CA ILE C 54 18.06 2.88 -17.32
C ILE C 54 16.68 2.50 -16.81
N TRP C 55 16.57 1.36 -16.13
CA TRP C 55 15.28 0.89 -15.63
C TRP C 55 14.91 1.46 -14.25
N ALA C 56 15.74 2.34 -13.70
CA ALA C 56 15.48 2.88 -12.36
C ALA C 56 14.08 3.48 -12.21
N PRO C 57 13.53 4.20 -13.18
CA PRO C 57 12.23 4.85 -12.95
C PRO C 57 11.11 3.88 -12.56
N SER C 58 11.21 2.62 -12.96
CA SER C 58 10.15 1.65 -12.70
C SER C 58 10.37 0.84 -11.45
N PHE C 59 11.37 1.19 -10.64
CA PHE C 59 11.74 0.38 -9.48
C PHE C 59 10.52 0.07 -8.59
N LYS C 60 9.78 1.12 -8.19
CA LYS C 60 8.73 0.89 -7.19
C LYS C 60 7.56 0.13 -7.79
N GLU C 61 7.17 0.45 -9.02
CA GLU C 61 6.09 -0.27 -9.67
C GLU C 61 6.41 -1.75 -9.79
N LEU C 62 7.65 -2.08 -10.18
CA LEU C 62 8.06 -3.47 -10.33
C LEU C 62 8.19 -4.18 -8.99
N LEU C 63 8.67 -3.48 -7.95
CA LEU C 63 8.74 -4.07 -6.62
C LEU C 63 7.33 -4.43 -6.15
N ASP C 64 6.39 -3.49 -6.27
CA ASP C 64 5.01 -3.78 -5.89
C ASP C 64 4.42 -4.92 -6.72
N GLN C 65 4.70 -4.94 -8.04
CA GLN C 65 4.11 -5.99 -8.87
C GLN C 65 4.76 -7.34 -8.60
N ALA C 66 6.06 -7.36 -8.33
CA ALA C 66 6.70 -8.62 -7.97
C ALA C 66 6.11 -9.16 -6.68
N ARG C 67 5.85 -8.27 -5.71
CA ARG C 67 5.24 -8.70 -4.45
C ARG C 67 3.87 -9.32 -4.69
N TYR C 68 3.03 -8.65 -5.51
CA TYR C 68 1.69 -9.15 -5.83
C TYR C 68 1.77 -10.55 -6.44
N PHE C 69 2.56 -10.70 -7.51
CA PHE C 69 2.67 -12.00 -8.17
C PHE C 69 3.35 -13.03 -7.27
N TYR C 70 4.26 -12.59 -6.38
CA TYR C 70 4.85 -13.52 -5.44
C TYR C 70 3.79 -14.04 -4.48
N SER C 71 2.89 -13.18 -4.02
CA SER C 71 1.88 -13.62 -3.06
C SER C 71 0.87 -14.57 -3.69
N THR C 72 0.46 -14.32 -4.94
CA THR C 72 -0.51 -15.23 -5.56
C THR C 72 0.12 -16.53 -6.03
N GLY C 73 1.42 -16.49 -6.34
CA GLY C 73 2.04 -17.66 -6.94
C GLY C 73 1.55 -18.00 -8.33
N GLN C 74 0.90 -17.06 -9.00
CA GLN C 74 0.38 -17.35 -10.34
C GLN C 74 1.50 -17.42 -11.37
N SER C 75 1.19 -18.04 -12.51
CA SER C 75 2.13 -18.11 -13.61
C SER C 75 2.27 -16.73 -14.29
N VAL C 76 3.51 -16.35 -14.60
CA VAL C 76 3.80 -15.03 -15.14
C VAL C 76 4.90 -15.14 -16.19
N ARG C 77 5.09 -14.05 -16.92
CA ARG C 77 6.25 -13.86 -17.79
C ARG C 77 7.18 -12.83 -17.15
N ILE C 78 8.46 -13.18 -17.02
CA ILE C 78 9.50 -12.32 -16.49
C ILE C 78 10.23 -11.70 -17.67
N HIS C 79 10.39 -10.38 -17.67
CA HIS C 79 11.15 -9.67 -18.70
C HIS C 79 12.42 -9.11 -18.08
N VAL C 80 13.57 -9.37 -18.70
CA VAL C 80 14.86 -8.93 -18.18
C VAL C 80 15.70 -8.29 -19.29
N GLN C 81 16.69 -7.51 -18.87
CA GLN C 81 17.80 -7.14 -19.75
C GLN C 81 19.06 -7.74 -19.16
N LYS C 82 19.76 -8.55 -19.94
CA LYS C 82 20.91 -9.27 -19.41
C LYS C 82 22.09 -8.32 -19.19
N ASN C 83 22.99 -8.74 -18.29
CA ASN C 83 24.33 -8.15 -18.19
C ASN C 83 24.30 -6.68 -17.77
N ILE C 84 23.45 -6.33 -16.82
CA ILE C 84 23.33 -4.94 -16.37
C ILE C 84 24.08 -4.70 -15.07
N TRP C 85 23.86 -5.54 -14.05
CA TRP C 85 24.60 -5.38 -12.79
C TRP C 85 26.01 -5.93 -12.94
N THR C 86 27.01 -5.17 -12.49
CA THR C 86 28.40 -5.59 -12.59
C THR C 86 29.08 -5.89 -11.27
N TYR C 87 28.51 -5.48 -10.12
CA TYR C 87 29.06 -5.85 -8.83
C TYR C 87 29.29 -7.35 -8.74
N PRO C 88 30.54 -7.82 -8.75
CA PRO C 88 30.77 -9.27 -8.90
C PRO C 88 30.22 -10.14 -7.78
N LEU C 89 30.29 -9.74 -6.51
CA LEU C 89 29.72 -10.60 -5.48
C LEU C 89 28.20 -10.62 -5.56
N PHE C 90 27.61 -9.46 -5.84
CA PHE C 90 26.17 -9.34 -6.06
C PHE C 90 25.73 -10.27 -7.19
N VAL C 91 26.43 -10.22 -8.33
CA VAL C 91 26.09 -11.06 -9.47
C VAL C 91 26.20 -12.55 -9.10
N ASN C 92 27.26 -12.91 -8.37
CA ASN C 92 27.40 -14.32 -7.98
C ASN C 92 26.26 -14.79 -7.08
N THR C 93 25.79 -13.92 -6.17
CA THR C 93 24.66 -14.29 -5.31
C THR C 93 23.36 -14.31 -6.08
N PHE C 94 23.17 -13.35 -6.99
CA PHE C 94 21.91 -13.18 -7.67
C PHE C 94 22.16 -13.36 -9.13
N SER C 95 22.28 -12.29 -9.93
CA SER C 95 22.58 -12.36 -11.35
C SER C 95 22.81 -10.94 -11.84
N ALA C 96 23.23 -10.82 -13.10
CA ALA C 96 23.37 -9.52 -13.73
C ALA C 96 22.09 -9.04 -14.42
N ASN C 97 21.01 -9.83 -14.36
CA ASN C 97 19.77 -9.48 -15.05
C ASN C 97 19.07 -8.32 -14.36
N ALA C 98 18.78 -7.27 -15.13
CA ALA C 98 17.85 -6.25 -14.67
C ALA C 98 16.41 -6.70 -14.96
N LEU C 99 15.55 -6.58 -13.97
CA LEU C 99 14.13 -6.86 -14.16
C LEU C 99 13.48 -5.66 -14.84
N VAL C 100 12.82 -5.88 -15.98
CA VAL C 100 12.28 -4.77 -16.77
C VAL C 100 10.79 -4.91 -17.04
N GLY C 101 10.14 -5.97 -16.61
CA GLY C 101 8.70 -6.10 -16.78
C GLY C 101 8.20 -7.39 -16.18
N LEU C 102 6.90 -7.40 -15.89
CA LEU C 102 6.21 -8.58 -15.36
C LEU C 102 4.84 -8.62 -16.00
N SER C 103 4.45 -9.80 -16.50
CA SER C 103 3.18 -9.99 -17.20
C SER C 103 2.45 -11.19 -16.63
N SER C 104 1.14 -11.07 -16.45
CA SER C 104 0.34 -12.25 -16.13
C SER C 104 0.30 -13.20 -17.33
N CYS C 105 0.16 -14.49 -17.03
CA CYS C 105 0.00 -15.54 -18.05
C CYS C 105 -1.21 -16.40 -17.70
N SER C 106 -2.39 -15.79 -17.61
CA SER C 106 -3.55 -16.52 -17.10
C SER C 106 -4.23 -17.25 -18.24
N ALA C 107 -4.16 -18.59 -18.18
CA ALA C 107 -4.95 -19.53 -18.98
C ALA C 107 -5.29 -19.04 -20.39
N THR C 108 -4.29 -18.54 -21.12
CA THR C 108 -4.49 -18.10 -22.51
C THR C 108 -3.14 -17.94 -23.19
N GLN C 109 -2.49 -16.84 -22.86
CA GLN C 109 -1.26 -16.37 -23.44
C GLN C 109 -0.71 -15.36 -22.45
N CYS C 110 0.62 -15.21 -22.43
CA CYS C 110 1.20 -14.19 -21.57
C CYS C 110 0.91 -12.81 -22.13
N PHE C 111 0.46 -11.91 -21.24
CA PHE C 111 -0.04 -10.59 -21.65
C PHE C 111 1.11 -9.58 -21.63
N GLY C 112 1.99 -9.70 -22.61
CA GLY C 112 3.11 -8.78 -22.71
C GLY C 112 3.93 -8.96 -23.98
N PRO C 113 4.84 -8.03 -24.24
CA PRO C 113 5.65 -8.10 -25.46
C PRO C 113 6.28 -9.47 -25.62
N LYS C 114 6.19 -9.98 -26.84
CA LYS C 114 6.30 -11.38 -27.12
C LYS C 114 7.09 -11.58 -28.41
N GLU D 1 -10.83 18.26 -19.21
CA GLU D 1 -11.04 16.85 -19.52
C GLU D 1 -11.67 16.15 -18.33
N TRP D 2 -12.28 15.00 -18.59
CA TRP D 2 -12.96 14.23 -17.56
C TRP D 2 -13.14 12.81 -18.07
N THR D 3 -12.85 11.84 -17.20
CA THR D 3 -13.19 10.44 -17.42
C THR D 3 -14.53 10.29 -18.13
N GLY D 4 -15.52 11.08 -17.70
CA GLY D 4 -16.88 10.98 -18.20
C GLY D 4 -17.20 11.71 -19.49
N ASP D 5 -16.25 12.45 -20.07
CA ASP D 5 -16.47 13.13 -21.35
C ASP D 5 -17.09 12.18 -22.36
N ASN D 6 -18.03 12.68 -23.17
CA ASN D 6 -18.69 11.80 -24.14
C ASN D 6 -17.77 11.39 -25.28
N THR D 7 -16.60 12.02 -25.41
CA THR D 7 -15.64 11.56 -26.39
C THR D 7 -14.78 10.39 -25.90
N ASN D 8 -15.04 9.87 -24.71
CA ASN D 8 -14.40 8.65 -24.25
C ASN D 8 -15.32 7.46 -24.47
N ALA D 9 -14.75 6.26 -24.41
CA ALA D 9 -15.55 5.05 -24.53
C ALA D 9 -15.52 4.30 -23.21
N TYR D 10 -16.53 3.47 -23.00
CA TYR D 10 -16.55 2.65 -21.81
C TYR D 10 -17.18 1.29 -22.15
N TYR D 11 -16.86 0.31 -21.31
CA TYR D 11 -17.31 -1.07 -21.48
C TYR D 11 -17.73 -1.58 -20.11
N SER D 12 -19.01 -1.93 -19.97
CA SER D 12 -19.54 -2.29 -18.65
C SER D 12 -19.43 -3.78 -18.41
N ASP D 13 -19.48 -4.16 -17.12
CA ASP D 13 -19.56 -5.56 -16.69
C ASP D 13 -18.39 -6.37 -17.22
N GLU D 14 -17.20 -5.78 -17.11
CA GLU D 14 -15.97 -6.43 -17.53
C GLU D 14 -15.23 -6.96 -16.30
N VAL D 15 -14.46 -8.02 -16.50
CA VAL D 15 -13.59 -8.58 -15.48
C VAL D 15 -12.15 -8.41 -15.96
N ILE D 16 -11.30 -7.87 -15.10
CA ILE D 16 -9.89 -7.70 -15.43
C ILE D 16 -9.22 -9.08 -15.42
N SER D 17 -8.70 -9.49 -16.57
CA SER D 17 -8.21 -10.85 -16.69
C SER D 17 -6.71 -10.95 -16.88
N GLU D 18 -6.03 -9.86 -17.23
CA GLU D 18 -4.58 -9.85 -17.35
C GLU D 18 -4.05 -8.50 -16.88
N LEU D 19 -2.82 -8.50 -16.38
CA LEU D 19 -2.15 -7.28 -15.92
C LEU D 19 -0.68 -7.36 -16.29
N HIS D 20 -0.13 -6.24 -16.77
CA HIS D 20 1.25 -6.14 -17.23
C HIS D 20 1.85 -4.81 -16.76
N VAL D 21 3.09 -4.86 -16.25
CA VAL D 21 3.81 -3.66 -15.84
C VAL D 21 5.18 -3.63 -16.51
N GLY D 22 5.57 -2.47 -17.01
CA GLY D 22 6.87 -2.33 -17.63
C GLY D 22 7.30 -0.89 -17.62
N GLN D 23 8.20 -0.55 -18.54
CA GLN D 23 8.70 0.81 -18.67
C GLN D 23 8.85 1.13 -20.16
N ILE D 24 8.56 2.38 -20.53
CA ILE D 24 8.76 2.84 -21.89
C ILE D 24 9.19 4.29 -21.84
N ASP D 25 10.25 4.64 -22.56
CA ASP D 25 10.69 6.04 -22.68
C ASP D 25 10.82 6.70 -21.30
N THR D 26 11.47 5.99 -20.37
CA THR D 26 11.75 6.39 -18.99
C THR D 26 10.51 6.46 -18.09
N SER D 27 9.36 5.97 -18.55
CA SER D 27 8.13 6.04 -17.76
C SER D 27 7.62 4.66 -17.39
N PRO D 28 7.29 4.42 -16.12
CA PRO D 28 6.52 3.21 -15.79
C PRO D 28 5.20 3.23 -16.54
N TYR D 29 4.72 2.04 -16.87
CA TYR D 29 3.39 1.95 -17.44
C TYR D 29 2.80 0.62 -17.03
N PHE D 30 1.47 0.52 -17.12
CA PHE D 30 0.83 -0.78 -16.97
C PHE D 30 -0.28 -0.88 -18.00
N CYS D 31 -0.62 -2.13 -18.32
CA CYS D 31 -1.74 -2.45 -19.20
C CYS D 31 -2.61 -3.50 -18.53
N ILE D 32 -3.89 -3.49 -18.86
CA ILE D 32 -4.82 -4.51 -18.42
C ILE D 32 -5.61 -5.01 -19.63
N LYS D 33 -6.07 -6.25 -19.52
CA LYS D 33 -7.01 -6.85 -20.44
C LYS D 33 -8.25 -7.23 -19.66
N THR D 34 -9.42 -6.94 -20.22
CA THR D 34 -10.68 -7.26 -19.59
C THR D 34 -11.58 -7.99 -20.58
N VAL D 35 -12.47 -8.83 -20.05
CA VAL D 35 -13.44 -9.57 -20.86
C VAL D 35 -14.81 -9.47 -20.21
N LYS D 36 -15.84 -9.55 -21.04
CA LYS D 36 -17.20 -9.54 -20.53
C LYS D 36 -17.39 -10.64 -19.49
N ALA D 37 -18.09 -10.33 -18.40
CA ALA D 37 -18.28 -11.30 -17.34
C ALA D 37 -18.96 -12.57 -17.87
N ASN D 38 -19.88 -12.45 -18.83
CA ASN D 38 -20.56 -13.62 -19.40
C ASN D 38 -19.78 -14.30 -20.53
N GLY D 39 -18.59 -13.83 -20.90
CA GLY D 39 -17.78 -14.49 -21.91
C GLY D 39 -18.10 -14.12 -23.34
N SER D 40 -19.15 -13.34 -23.59
CA SER D 40 -19.45 -12.92 -24.95
C SER D 40 -18.49 -11.83 -25.39
N GLY D 41 -18.54 -11.51 -26.69
CA GLY D 41 -17.80 -10.37 -27.20
C GLY D 41 -16.29 -10.61 -27.25
N THR D 42 -15.55 -9.51 -27.29
CA THR D 42 -14.11 -9.55 -27.46
C THR D 42 -13.42 -8.71 -26.40
N PRO D 43 -12.16 -9.02 -26.09
CA PRO D 43 -11.49 -8.36 -24.97
C PRO D 43 -11.24 -6.88 -25.22
N VAL D 44 -11.09 -6.14 -24.11
CA VAL D 44 -10.70 -4.74 -24.14
C VAL D 44 -9.31 -4.62 -23.52
N VAL D 45 -8.41 -3.88 -24.17
CA VAL D 45 -7.05 -3.66 -23.66
C VAL D 45 -6.84 -2.16 -23.52
N ALA D 46 -6.31 -1.75 -22.36
CA ALA D 46 -6.02 -0.34 -22.15
C ALA D 46 -4.78 -0.24 -21.28
N CYS D 47 -4.08 0.88 -21.43
CA CYS D 47 -2.81 1.09 -20.74
C CYS D 47 -2.80 2.50 -20.18
N ALA D 48 -2.03 2.65 -19.11
CA ALA D 48 -1.71 3.95 -18.52
C ALA D 48 -0.21 4.11 -18.48
N VAL D 49 0.28 5.30 -18.81
CA VAL D 49 1.71 5.58 -18.87
C VAL D 49 1.99 6.75 -17.93
N SER D 50 2.91 6.53 -16.98
CA SER D 50 3.01 7.43 -15.84
C SER D 50 3.36 8.87 -16.27
N LYS D 51 4.18 9.04 -17.32
CA LYS D 51 4.62 10.38 -17.69
C LYS D 51 4.00 10.89 -19.00
N GLN D 52 2.98 10.21 -19.54
CA GLN D 52 2.51 10.54 -20.89
C GLN D 52 0.99 10.64 -20.92
N SER D 53 0.48 11.43 -21.86
CA SER D 53 -0.95 11.71 -22.06
C SER D 53 -1.51 12.65 -20.99
N ILE D 54 -2.68 13.22 -21.23
CA ILE D 54 -3.32 14.09 -20.24
C ILE D 54 -3.72 13.34 -18.99
N TRP D 55 -3.80 12.01 -19.06
CA TRP D 55 -4.22 11.19 -17.93
C TRP D 55 -3.07 10.79 -17.00
N ALA D 56 -1.86 11.25 -17.29
CA ALA D 56 -0.72 10.89 -16.44
C ALA D 56 -0.94 11.15 -14.96
N PRO D 57 -1.61 12.23 -14.52
CA PRO D 57 -1.74 12.47 -13.08
C PRO D 57 -2.45 11.35 -12.34
N SER D 58 -3.30 10.57 -13.02
CA SER D 58 -4.09 9.52 -12.39
C SER D 58 -3.41 8.16 -12.44
N PHE D 59 -2.15 8.10 -12.88
CA PHE D 59 -1.49 6.82 -13.12
C PHE D 59 -1.54 5.96 -11.87
N LYS D 60 -1.11 6.51 -10.75
CA LYS D 60 -0.97 5.69 -9.54
C LYS D 60 -2.34 5.26 -9.02
N GLU D 61 -3.29 6.19 -9.00
CA GLU D 61 -4.63 5.82 -8.56
C GLU D 61 -5.24 4.73 -9.42
N LEU D 62 -5.05 4.82 -10.75
CA LEU D 62 -5.62 3.81 -11.63
C LEU D 62 -4.90 2.46 -11.48
N LEU D 63 -3.57 2.49 -11.33
CA LEU D 63 -2.83 1.25 -11.15
C LEU D 63 -3.26 0.55 -9.87
N ASP D 64 -3.37 1.32 -8.78
CA ASP D 64 -3.83 0.74 -7.52
C ASP D 64 -5.24 0.17 -7.67
N GLN D 65 -6.13 0.93 -8.32
CA GLN D 65 -7.49 0.43 -8.47
C GLN D 65 -7.54 -0.80 -9.36
N ALA D 66 -6.77 -0.79 -10.45
CA ALA D 66 -6.74 -1.94 -11.35
C ALA D 66 -6.31 -3.20 -10.61
N ARG D 67 -5.28 -3.08 -9.78
CA ARG D 67 -4.79 -4.24 -9.04
C ARG D 67 -5.85 -4.79 -8.12
N TYR D 68 -6.60 -3.92 -7.46
CA TYR D 68 -7.63 -4.41 -6.55
C TYR D 68 -8.75 -5.13 -7.32
N PHE D 69 -9.27 -4.51 -8.38
CA PHE D 69 -10.31 -5.17 -9.17
C PHE D 69 -9.80 -6.46 -9.81
N TYR D 70 -8.53 -6.49 -10.19
CA TYR D 70 -7.94 -7.71 -10.71
C TYR D 70 -7.93 -8.81 -9.65
N SER D 71 -7.62 -8.46 -8.41
CA SER D 71 -7.54 -9.46 -7.35
C SER D 71 -8.94 -9.97 -6.96
N THR D 72 -9.98 -9.14 -7.04
CA THR D 72 -11.30 -9.62 -6.64
C THR D 72 -12.00 -10.39 -7.75
N GLY D 73 -11.69 -10.09 -9.01
CA GLY D 73 -12.49 -10.65 -10.10
C GLY D 73 -13.86 -10.02 -10.28
N GLN D 74 -14.16 -8.92 -9.57
CA GLN D 74 -15.49 -8.34 -9.67
C GLN D 74 -15.70 -7.68 -11.02
N SER D 75 -16.97 -7.47 -11.37
CA SER D 75 -17.32 -6.87 -12.65
C SER D 75 -17.26 -5.35 -12.54
N VAL D 76 -16.66 -4.73 -13.56
CA VAL D 76 -16.36 -3.32 -13.51
C VAL D 76 -16.67 -2.71 -14.86
N ARG D 77 -16.74 -1.39 -14.89
CA ARG D 77 -16.81 -0.62 -16.12
C ARG D 77 -15.43 -0.01 -16.33
N ILE D 78 -14.83 -0.26 -17.47
CA ILE D 78 -13.55 0.34 -17.81
C ILE D 78 -13.81 1.49 -18.78
N HIS D 79 -13.21 2.64 -18.49
CA HIS D 79 -13.32 3.86 -19.28
C HIS D 79 -11.99 4.11 -19.97
N VAL D 80 -12.03 4.38 -21.27
CA VAL D 80 -10.82 4.58 -22.04
C VAL D 80 -10.98 5.78 -22.95
N GLN D 81 -9.86 6.34 -23.38
CA GLN D 81 -9.85 7.27 -24.51
C GLN D 81 -9.09 6.60 -25.64
N LYS D 82 -9.75 6.45 -26.79
CA LYS D 82 -9.16 5.70 -27.88
C LYS D 82 -8.10 6.54 -28.60
N ASN D 83 -7.21 5.83 -29.29
CA ASN D 83 -6.27 6.45 -30.23
C ASN D 83 -5.29 7.41 -29.54
N ILE D 84 -4.74 7.00 -28.40
CA ILE D 84 -3.79 7.83 -27.66
C ILE D 84 -2.35 7.37 -27.84
N TRP D 85 -2.08 6.08 -27.62
CA TRP D 85 -0.70 5.61 -27.75
C TRP D 85 -0.35 5.49 -29.23
N THR D 86 0.90 5.76 -29.55
CA THR D 86 1.32 5.91 -30.93
C THR D 86 2.51 5.05 -31.34
N TYR D 87 3.29 4.55 -30.40
CA TYR D 87 4.44 3.73 -30.74
C TYR D 87 3.96 2.41 -31.34
N PRO D 88 4.23 2.11 -32.62
CA PRO D 88 3.55 0.99 -33.28
C PRO D 88 3.76 -0.37 -32.60
N LEU D 89 4.97 -0.68 -32.17
CA LEU D 89 5.18 -1.98 -31.53
C LEU D 89 4.39 -2.06 -30.22
N PHE D 90 4.29 -0.94 -29.50
CA PHE D 90 3.48 -0.91 -28.28
C PHE D 90 2.00 -1.07 -28.61
N VAL D 91 1.49 -0.28 -29.56
CA VAL D 91 0.08 -0.38 -29.94
C VAL D 91 -0.26 -1.80 -30.38
N ASN D 92 0.63 -2.44 -31.14
CA ASN D 92 0.25 -3.75 -31.67
C ASN D 92 0.37 -4.85 -30.63
N THR D 93 1.21 -4.67 -29.61
CA THR D 93 1.21 -5.57 -28.47
C THR D 93 -0.04 -5.38 -27.63
N PHE D 94 -0.39 -4.11 -27.33
CA PHE D 94 -1.46 -3.81 -26.40
C PHE D 94 -2.55 -3.12 -27.18
N SER D 95 -2.66 -1.81 -27.14
CA SER D 95 -3.64 -1.09 -27.94
C SER D 95 -3.27 0.39 -27.82
N ALA D 96 -4.04 1.23 -28.50
CA ALA D 96 -3.86 2.68 -28.36
C ALA D 96 -4.78 3.28 -27.32
N ASN D 97 -5.56 2.45 -26.60
CA ASN D 97 -6.48 2.93 -25.58
C ASN D 97 -5.73 3.42 -24.34
N ALA D 98 -5.95 4.67 -23.96
CA ALA D 98 -5.52 5.16 -22.65
C ALA D 98 -6.60 4.82 -21.63
N LEU D 99 -6.19 4.23 -20.50
CA LEU D 99 -7.14 3.98 -19.41
C LEU D 99 -7.43 5.28 -18.68
N VAL D 100 -8.70 5.64 -18.53
CA VAL D 100 -9.07 6.92 -17.92
C VAL D 100 -10.01 6.79 -16.73
N GLY D 101 -10.48 5.60 -16.40
CA GLY D 101 -11.35 5.43 -15.26
C GLY D 101 -11.72 3.97 -15.07
N LEU D 102 -12.12 3.66 -13.84
CA LEU D 102 -12.56 2.32 -13.44
C LEU D 102 -13.69 2.48 -12.44
N SER D 103 -14.80 1.77 -12.66
CA SER D 103 -15.98 1.84 -11.79
C SER D 103 -16.44 0.45 -11.37
N SER D 104 -16.80 0.32 -10.08
CA SER D 104 -17.53 -0.86 -9.64
C SER D 104 -18.89 -0.92 -10.35
N CYS D 105 -19.50 -2.10 -10.33
CA CYS D 105 -20.79 -2.32 -10.96
C CYS D 105 -21.72 -2.99 -9.97
N SER D 106 -22.88 -2.36 -9.71
CA SER D 106 -23.93 -3.04 -8.97
C SER D 106 -24.43 -4.20 -9.80
N ALA D 107 -25.39 -4.95 -9.28
CA ALA D 107 -25.97 -6.06 -10.02
C ALA D 107 -26.76 -5.61 -11.23
N THR D 108 -27.19 -4.34 -11.26
CA THR D 108 -27.99 -3.79 -12.34
C THR D 108 -27.34 -2.64 -13.10
N GLN D 109 -26.38 -1.91 -12.51
CA GLN D 109 -25.84 -0.71 -13.11
C GLN D 109 -24.44 -0.41 -12.56
N CYS D 110 -23.57 0.11 -13.42
CA CYS D 110 -22.22 0.44 -12.99
C CYS D 110 -22.15 1.85 -12.41
N PHE D 111 -21.25 2.03 -11.44
CA PHE D 111 -21.18 3.28 -10.67
C PHE D 111 -20.20 4.25 -11.31
N GLY D 112 -20.68 4.93 -12.34
CA GLY D 112 -19.83 5.85 -13.08
C GLY D 112 -20.54 6.43 -14.27
N PRO D 113 -19.86 7.32 -14.99
CA PRO D 113 -20.50 8.01 -16.11
C PRO D 113 -20.84 7.05 -17.25
N LYS D 114 -21.87 7.40 -18.00
CA LYS D 114 -22.31 6.57 -19.12
C LYS D 114 -22.89 7.41 -20.27
N GLU E 1 -11.55 24.63 9.59
CA GLU E 1 -12.50 23.60 9.18
C GLU E 1 -12.21 22.28 9.87
N TRP E 2 -13.25 21.46 10.01
CA TRP E 2 -13.16 20.18 10.66
C TRP E 2 -14.27 19.28 10.13
N THR E 3 -13.92 18.03 9.82
CA THR E 3 -14.87 16.98 9.55
C THR E 3 -16.12 17.11 10.42
N GLY E 4 -15.92 17.38 11.71
CA GLY E 4 -17.01 17.40 12.67
C GLY E 4 -17.82 18.68 12.77
N ASP E 5 -17.55 19.70 11.94
CA ASP E 5 -18.29 20.95 12.03
C ASP E 5 -19.79 20.73 11.81
N ASN E 6 -20.59 21.57 12.49
CA ASN E 6 -22.05 21.67 12.40
C ASN E 6 -22.59 21.66 10.99
N THR E 7 -21.87 22.34 10.09
CA THR E 7 -22.29 22.54 8.71
C THR E 7 -22.00 21.34 7.81
N ASN E 8 -21.41 20.28 8.32
CA ASN E 8 -21.29 19.07 7.53
C ASN E 8 -22.41 18.12 7.91
N ALA E 9 -22.63 17.11 7.07
CA ALA E 9 -23.69 16.14 7.30
C ALA E 9 -23.07 14.75 7.42
N TYR E 10 -23.76 13.83 8.08
CA TYR E 10 -23.23 12.48 8.20
C TYR E 10 -24.39 11.48 8.20
N TYR E 11 -24.04 10.23 7.94
CA TYR E 11 -25.00 9.14 7.78
C TYR E 11 -24.41 7.89 8.41
N SER E 12 -25.06 7.38 9.45
CA SER E 12 -24.52 6.27 10.23
C SER E 12 -24.99 4.91 9.70
N ASP E 13 -24.27 3.86 10.10
CA ASP E 13 -24.68 2.50 9.84
C ASP E 13 -24.78 2.22 8.33
N GLU E 14 -23.83 2.77 7.58
CA GLU E 14 -23.76 2.58 6.13
C GLU E 14 -22.66 1.57 5.77
N VAL E 15 -22.78 1.03 4.57
CA VAL E 15 -21.76 0.16 3.98
C VAL E 15 -21.37 0.75 2.64
N ILE E 16 -20.07 0.81 2.36
CA ILE E 16 -19.61 1.36 1.09
C ILE E 16 -19.87 0.31 0.03
N SER E 17 -20.80 0.61 -0.88
CA SER E 17 -21.30 -0.36 -1.85
C SER E 17 -20.70 -0.22 -3.24
N GLU E 18 -20.15 0.94 -3.58
CA GLU E 18 -19.57 1.16 -4.90
C GLU E 18 -18.40 2.11 -4.77
N LEU E 19 -17.50 2.03 -5.76
CA LEU E 19 -16.27 2.82 -5.76
C LEU E 19 -15.89 3.09 -7.21
N HIS E 20 -15.53 4.35 -7.49
CA HIS E 20 -15.15 4.79 -8.84
C HIS E 20 -13.92 5.67 -8.73
N VAL E 21 -12.96 5.49 -9.65
CA VAL E 21 -11.80 6.37 -9.74
C VAL E 21 -11.72 6.94 -11.15
N GLY E 22 -11.28 8.18 -11.25
CA GLY E 22 -11.16 8.83 -12.53
C GLY E 22 -10.30 10.06 -12.41
N GLN E 23 -10.37 10.91 -13.44
CA GLN E 23 -9.65 12.18 -13.46
C GLN E 23 -10.54 13.27 -14.04
N ILE E 24 -10.38 14.49 -13.54
CA ILE E 24 -11.14 15.64 -13.99
C ILE E 24 -10.28 16.89 -13.78
N ASP E 25 -10.13 17.69 -14.83
CA ASP E 25 -9.41 18.97 -14.75
C ASP E 25 -8.00 18.78 -14.17
N THR E 26 -7.30 17.76 -14.68
CA THR E 26 -5.95 17.33 -14.32
C THR E 26 -5.89 16.66 -12.94
N SER E 27 -7.01 16.56 -12.21
CA SER E 27 -6.96 16.06 -10.85
C SER E 27 -7.53 14.65 -10.74
N PRO E 28 -6.78 13.70 -10.20
CA PRO E 28 -7.39 12.41 -9.85
C PRO E 28 -8.52 12.63 -8.85
N TYR E 29 -9.56 11.81 -8.96
CA TYR E 29 -10.68 11.89 -8.02
C TYR E 29 -11.23 10.49 -7.78
N PHE E 30 -11.97 10.33 -6.70
CA PHE E 30 -12.76 9.13 -6.54
C PHE E 30 -14.12 9.48 -5.97
N CYS E 31 -15.05 8.57 -6.18
CA CYS E 31 -16.39 8.64 -5.62
C CYS E 31 -16.74 7.32 -4.98
N ILE E 32 -17.57 7.39 -3.94
CA ILE E 32 -18.14 6.19 -3.35
C ILE E 32 -19.66 6.34 -3.29
N LYS E 33 -20.32 5.19 -3.28
CA LYS E 33 -21.73 5.10 -2.93
C LYS E 33 -21.87 4.23 -1.69
N THR E 34 -22.74 4.64 -0.77
CA THR E 34 -23.00 3.87 0.44
C THR E 34 -24.49 3.62 0.58
N VAL E 35 -24.83 2.50 1.21
CA VAL E 35 -26.21 2.11 1.49
C VAL E 35 -26.29 1.69 2.96
N LYS E 36 -27.47 1.86 3.55
CA LYS E 36 -27.68 1.40 4.92
C LYS E 36 -27.41 -0.09 5.02
N ALA E 37 -26.69 -0.49 6.08
CA ALA E 37 -26.42 -1.91 6.28
C ALA E 37 -27.70 -2.74 6.32
N ASN E 38 -28.80 -2.16 6.77
CA ASN E 38 -30.06 -2.90 6.88
C ASN E 38 -30.95 -2.73 5.65
N GLY E 39 -30.41 -2.19 4.57
CA GLY E 39 -31.15 -2.07 3.32
C GLY E 39 -32.14 -0.93 3.24
N SER E 40 -32.39 -0.23 4.34
CA SER E 40 -33.36 0.85 4.32
C SER E 40 -32.79 2.11 3.67
N GLY E 41 -33.62 3.15 3.59
CA GLY E 41 -33.17 4.48 3.24
C GLY E 41 -32.77 4.65 1.77
N THR E 42 -32.10 5.77 1.52
CA THR E 42 -31.62 6.21 0.21
C THR E 42 -30.09 6.23 0.18
N PRO E 43 -29.46 5.71 -0.87
CA PRO E 43 -27.99 5.66 -0.91
C PRO E 43 -27.37 7.04 -0.80
N VAL E 44 -26.15 7.10 -0.27
CA VAL E 44 -25.36 8.33 -0.22
C VAL E 44 -24.23 8.24 -1.23
N VAL E 45 -24.00 9.32 -1.96
CA VAL E 45 -22.91 9.40 -2.94
C VAL E 45 -22.02 10.58 -2.56
N ALA E 46 -20.71 10.36 -2.58
CA ALA E 46 -19.81 11.45 -2.22
C ALA E 46 -18.49 11.24 -2.94
N CYS E 47 -17.84 12.35 -3.25
CA CYS E 47 -16.61 12.31 -4.04
C CYS E 47 -15.54 13.12 -3.34
N ALA E 48 -14.30 12.85 -3.73
CA ALA E 48 -13.13 13.60 -3.30
C ALA E 48 -12.28 13.86 -4.53
N VAL E 49 -11.78 15.08 -4.67
CA VAL E 49 -11.06 15.52 -5.85
C VAL E 49 -9.72 16.07 -5.41
N SER E 50 -8.64 15.52 -5.99
CA SER E 50 -7.31 15.67 -5.42
C SER E 50 -6.91 17.13 -5.23
N LYS E 51 -7.20 17.99 -6.20
CA LYS E 51 -6.69 19.36 -6.11
C LYS E 51 -7.80 20.40 -5.87
N GLN E 52 -8.98 19.97 -5.41
CA GLN E 52 -10.13 20.85 -5.35
C GLN E 52 -10.86 20.75 -4.02
N SER E 53 -11.41 21.88 -3.58
CA SER E 53 -12.18 22.02 -2.35
C SER E 53 -11.23 22.15 -1.17
N ILE E 54 -11.75 22.66 -0.04
CA ILE E 54 -10.92 22.78 1.16
C ILE E 54 -10.50 21.43 1.72
N TRP E 55 -11.10 20.35 1.24
CA TRP E 55 -10.80 19.00 1.70
C TRP E 55 -9.71 18.33 0.86
N ALA E 56 -9.15 19.01 -0.13
CA ALA E 56 -8.10 18.41 -0.96
C ALA E 56 -6.95 17.83 -0.16
N PRO E 57 -6.48 18.43 0.94
CA PRO E 57 -5.33 17.85 1.65
C PRO E 57 -5.56 16.44 2.14
N SER E 58 -6.80 16.03 2.34
CA SER E 58 -7.12 14.72 2.85
C SER E 58 -7.41 13.69 1.76
N PHE E 59 -7.12 14.03 0.50
CA PHE E 59 -7.54 13.18 -0.60
C PHE E 59 -6.99 11.75 -0.45
N LYS E 60 -5.69 11.62 -0.21
CA LYS E 60 -5.09 10.29 -0.24
C LYS E 60 -5.51 9.47 0.96
N GLU E 61 -5.56 10.09 2.15
CA GLU E 61 -6.01 9.38 3.35
C GLU E 61 -7.44 8.89 3.18
N LEU E 62 -8.32 9.73 2.60
CA LEU E 62 -9.72 9.34 2.44
C LEU E 62 -9.86 8.26 1.39
N LEU E 63 -9.07 8.35 0.31
CA LEU E 63 -9.02 7.27 -0.68
C LEU E 63 -8.64 5.95 -0.02
N ASP E 64 -7.50 5.94 0.68
CA ASP E 64 -7.05 4.72 1.33
C ASP E 64 -8.08 4.21 2.34
N GLN E 65 -8.70 5.11 3.10
CA GLN E 65 -9.66 4.64 4.09
C GLN E 65 -10.97 4.19 3.43
N ALA E 66 -11.39 4.87 2.36
CA ALA E 66 -12.56 4.40 1.60
C ALA E 66 -12.30 3.01 1.05
N ARG E 67 -11.11 2.79 0.49
CA ARG E 67 -10.77 1.48 -0.04
C ARG E 67 -10.77 0.43 1.07
N TYR E 68 -10.28 0.81 2.25
CA TYR E 68 -10.22 -0.15 3.36
C TYR E 68 -11.63 -0.59 3.77
N PHE E 69 -12.50 0.36 4.07
CA PHE E 69 -13.86 0.01 4.51
C PHE E 69 -14.65 -0.65 3.39
N TYR E 70 -14.37 -0.30 2.14
CA TYR E 70 -15.02 -0.97 1.01
C TYR E 70 -14.67 -2.45 0.97
N SER E 71 -13.38 -2.78 1.21
CA SER E 71 -12.98 -4.19 1.16
C SER E 71 -13.48 -4.98 2.38
N THR E 72 -13.60 -4.34 3.55
CA THR E 72 -14.10 -5.10 4.70
C THR E 72 -15.62 -5.23 4.69
N GLY E 73 -16.34 -4.31 4.05
CA GLY E 73 -17.79 -4.35 4.12
C GLY E 73 -18.39 -4.00 5.46
N GLN E 74 -17.60 -3.50 6.41
CA GLN E 74 -18.14 -3.18 7.72
C GLN E 74 -18.97 -1.89 7.66
N SER E 75 -19.82 -1.71 8.67
CA SER E 75 -20.68 -0.53 8.70
C SER E 75 -19.93 0.68 9.23
N VAL E 76 -20.23 1.84 8.63
CA VAL E 76 -19.46 3.04 8.87
C VAL E 76 -20.41 4.23 8.93
N ARG E 77 -19.90 5.33 9.44
CA ARG E 77 -20.54 6.63 9.31
C ARG E 77 -19.77 7.43 8.27
N ILE E 78 -20.47 7.90 7.24
CA ILE E 78 -19.86 8.72 6.21
C ILE E 78 -20.18 10.18 6.49
N HIS E 79 -19.15 11.02 6.48
CA HIS E 79 -19.28 12.46 6.70
C HIS E 79 -19.08 13.19 5.38
N VAL E 80 -19.96 14.14 5.07
CA VAL E 80 -19.86 14.87 3.82
C VAL E 80 -20.05 16.35 4.08
N GLN E 81 -19.60 17.17 3.14
CA GLN E 81 -20.07 18.55 3.04
C GLN E 81 -20.90 18.69 1.78
N LYS E 82 -22.13 19.17 1.93
CA LYS E 82 -23.05 19.22 0.79
C LYS E 82 -22.71 20.39 -0.14
N ASN E 83 -23.18 20.25 -1.39
CA ASN E 83 -23.16 21.33 -2.39
C ASN E 83 -21.76 21.90 -2.61
N ILE E 84 -20.79 21.02 -2.86
CA ILE E 84 -19.41 21.42 -3.12
C ILE E 84 -19.07 21.35 -4.60
N TRP E 85 -19.26 20.19 -5.23
CA TRP E 85 -18.95 20.04 -6.65
C TRP E 85 -19.98 20.80 -7.49
N THR E 86 -19.52 21.36 -8.62
CA THR E 86 -20.35 22.31 -9.37
C THR E 86 -20.48 21.96 -10.86
N TYR E 87 -19.50 21.26 -11.43
CA TYR E 87 -19.59 20.88 -12.84
C TYR E 87 -20.85 20.03 -13.06
N PRO E 88 -21.80 20.49 -13.89
CA PRO E 88 -23.13 19.84 -13.90
C PRO E 88 -23.10 18.37 -14.32
N LEU E 89 -22.36 18.00 -15.34
CA LEU E 89 -22.33 16.60 -15.76
C LEU E 89 -21.81 15.69 -14.65
N PHE E 90 -20.80 16.16 -13.91
CA PHE E 90 -20.24 15.40 -12.78
C PHE E 90 -21.27 15.27 -11.66
N VAL E 91 -21.87 16.39 -11.26
CA VAL E 91 -22.85 16.35 -10.16
C VAL E 91 -23.99 15.40 -10.51
N ASN E 92 -24.45 15.44 -11.76
CA ASN E 92 -25.57 14.60 -12.17
C ASN E 92 -25.19 13.12 -12.24
N THR E 93 -23.94 12.80 -12.56
CA THR E 93 -23.49 11.41 -12.51
C THR E 93 -23.31 10.95 -11.07
N PHE E 94 -22.75 11.81 -10.21
CA PHE E 94 -22.40 11.43 -8.86
C PHE E 94 -23.23 12.27 -7.90
N SER E 95 -22.67 13.32 -7.34
CA SER E 95 -23.39 14.20 -6.42
C SER E 95 -22.55 15.44 -6.23
N ALA E 96 -23.09 16.42 -5.52
CA ALA E 96 -22.28 17.57 -5.13
C ALA E 96 -21.61 17.37 -3.77
N ASN E 97 -21.75 16.20 -3.14
CA ASN E 97 -21.19 15.94 -1.82
C ASN E 97 -19.68 15.76 -1.89
N ALA E 98 -18.96 16.55 -1.10
CA ALA E 98 -17.56 16.25 -0.80
C ALA E 98 -17.48 15.25 0.35
N LEU E 99 -16.65 14.22 0.19
CA LEU E 99 -16.35 13.32 1.29
C LEU E 99 -15.38 13.98 2.24
N VAL E 100 -15.70 14.03 3.54
CA VAL E 100 -14.86 14.72 4.52
C VAL E 100 -14.49 13.86 5.71
N GLY E 101 -14.99 12.62 5.81
CA GLY E 101 -14.61 11.76 6.92
C GLY E 101 -15.27 10.40 6.82
N LEU E 102 -14.63 9.41 7.45
CA LEU E 102 -15.13 8.05 7.55
C LEU E 102 -14.88 7.54 8.96
N SER E 103 -15.92 6.98 9.60
CA SER E 103 -15.85 6.49 10.97
C SER E 103 -16.38 5.07 11.08
N SER E 104 -15.64 4.20 11.79
CA SER E 104 -16.17 2.87 12.10
C SER E 104 -17.38 2.97 13.03
N CYS E 105 -18.33 2.06 12.82
CA CYS E 105 -19.55 1.99 13.62
C CYS E 105 -19.67 0.63 14.28
N SER E 106 -19.91 0.62 15.58
CA SER E 106 -20.38 -0.58 16.24
C SER E 106 -21.89 -0.68 16.11
N ALA E 107 -22.49 -1.69 16.75
CA ALA E 107 -23.94 -1.81 16.67
C ALA E 107 -24.65 -0.65 17.35
N THR E 108 -24.03 -0.05 18.36
CA THR E 108 -24.68 0.95 19.19
C THR E 108 -24.27 2.38 18.89
N GLN E 109 -23.06 2.59 18.36
CA GLN E 109 -22.60 3.95 18.13
C GLN E 109 -21.53 3.93 17.05
N CYS E 110 -21.12 5.12 16.63
CA CYS E 110 -20.04 5.28 15.67
C CYS E 110 -18.93 6.11 16.29
N PHE E 111 -17.70 5.83 15.86
CA PHE E 111 -16.52 6.45 16.45
C PHE E 111 -16.14 7.67 15.62
N GLY E 112 -16.80 8.79 15.91
CA GLY E 112 -16.59 10.00 15.16
C GLY E 112 -17.52 11.09 15.61
N PRO E 113 -17.34 12.30 15.08
CA PRO E 113 -18.18 13.43 15.50
C PRO E 113 -19.64 13.20 15.12
N LYS E 114 -20.52 13.77 15.94
CA LYS E 114 -21.97 13.64 15.73
C LYS E 114 -22.71 14.94 16.05
C1 NAG F . 33.02 9.22 16.93
C2 NAG F . 32.26 7.93 16.49
C3 NAG F . 30.85 8.32 16.21
C4 NAG F . 30.25 8.96 17.42
C5 NAG F . 30.78 10.40 17.53
C6 NAG F . 30.29 11.32 18.66
C7 NAG F . 33.17 6.00 14.98
C8 NAG F . 32.28 4.95 15.65
N2 NAG F . 33.14 7.42 15.38
O1 NAG F . 34.26 8.96 17.51
O3 NAG F . 30.12 7.14 15.82
O4 NAG F . 28.81 8.81 17.38
O5 NAG F . 32.26 10.27 17.73
O6 NAG F . 29.56 10.65 19.67
O7 NAG F . 33.92 5.68 14.11
H1 NAG F . 33.19 9.65 16.06
H2 NAG F . 32.17 7.19 17.11
H3 NAG F . 30.80 8.94 15.46
H4 NAG F . 30.48 8.52 18.26
H5 NAG F . 30.43 10.86 16.75
H61 NAG F . 31.07 11.74 19.05
H62 NAG F . 29.72 12.00 18.26
H81 NAG F . 32.62 4.74 16.53
H82 NAG F . 31.37 5.29 15.72
H83 NAG F . 32.27 4.14 15.11
HN2 NAG F . 33.63 7.98 14.96
HO1 NAG F . 34.47 9.55 18.08
HO3 NAG F . 30.11 7.10 14.96
HO6 NAG F . 29.26 11.27 20.17
C1 GAL F . 28.00 9.64 16.59
C2 GAL F . 26.65 9.52 17.33
C3 GAL F . 25.56 10.31 16.73
C4 GAL F . 25.97 11.71 16.48
C5 GAL F . 27.36 11.80 15.82
C6 GAL F . 27.86 13.22 15.81
O2 GAL F . 26.31 8.13 17.48
O3 GAL F . 24.42 10.38 17.71
O4 GAL F . 26.04 12.40 17.74
O5 GAL F . 28.38 11.05 16.54
O6 GAL F . 28.69 13.37 14.68
H1 GAL F . 28.06 9.34 15.67
H2 GAL F . 26.76 9.90 18.22
H3 GAL F . 25.27 9.87 15.92
H4 GAL F . 25.31 12.13 15.90
H5 GAL F . 27.23 11.47 14.92
H61 GAL F . 27.11 13.85 15.75
H62 GAL F . 28.36 13.40 16.62
HO2 GAL F . 26.63 7.69 16.84
HO4 GAL F . 26.58 12.01 18.26
HO6 GAL F . 28.23 13.21 13.98
C1 PKM F . 22.80 10.82 15.98
C10 PKM F . 19.63 5.78 17.69
C11 PKM F . 18.35 5.04 17.23
O1A PKM F . 23.04 10.46 14.80
C2 PKM F . 23.18 9.92 17.11
C3 PKM F . 22.07 9.98 18.16
C4 PKM F . 20.89 9.11 17.81
O4 PKM F . 20.10 9.06 19.03
C5 PKM F . 21.22 7.73 17.39
C6 PKM F . 22.11 7.86 16.18
C7 PKM F . 22.52 6.59 15.55
C8 PKM F . 23.62 6.92 14.48
C9 PKM F . 23.85 5.65 13.67
O10 PKM F . 20.26 5.37 18.61
N5 PKM F . 20.00 6.99 16.97
C PKM F . 18.77 9.50 18.91
O PKM F . 18.28 9.64 17.83
CH3 PKM F . 17.98 9.80 20.21
O1B PKM F . 22.23 11.93 16.20
O6 PKM F . 23.39 8.56 16.58
O7 PKM F . 23.05 5.75 16.52
O8 PKM F . 23.24 7.98 13.64
O9 PKM F . 24.74 5.96 12.63
H111 PKM F . 18.21 4.25 17.77
H113 PKM F . 18.45 4.77 16.29
H112 PKM F . 17.58 5.64 17.31
H32 PKM F . 22.44 9.68 19.01
H31 PKM F . 21.77 10.89 18.24
H4 PKM F . 20.40 9.49 17.07
H5 PKM F . 21.62 7.24 18.12
H6 PKM F . 21.58 8.32 15.51
H7 PKM F . 21.76 6.15 15.13
H8 PKM F . 24.43 7.20 14.93
H92 PKM F . 23.01 5.35 13.29
H91 PKM F . 24.23 4.96 14.23
HN5 PKM F . 19.53 7.28 16.32
H14 PKM F . 17.96 9.01 20.76
H16 PKM F . 17.07 10.06 19.99
H15 PKM F . 18.41 10.52 20.68
HO7 PKM F . 23.83 6.01 16.72
HO8 PKM F . 22.87 7.67 12.94
HO9 PKM F . 24.67 5.38 12.01
C1 NAG G . 6.74 -27.69 -24.28
C2 NAG G . 6.06 -26.56 -25.07
C3 NAG G . 7.10 -25.71 -25.73
C4 NAG G . 8.03 -25.16 -24.70
C5 NAG G . 8.87 -26.29 -24.08
C6 NAG G . 9.75 -25.78 -22.97
C7 NAG G . 3.97 -26.59 -26.60
C8 NAG G . 3.56 -25.16 -26.17
N2 NAG G . 5.18 -27.23 -26.06
O1 NAG G . 5.86 -28.26 -23.36
O3 NAG G . 6.49 -24.62 -26.48
O4 NAG G . 8.86 -24.14 -25.32
O5 NAG G . 8.01 -27.35 -23.51
O6 NAG G . 10.09 -26.88 -22.14
O7 NAG G . 3.30 -27.17 -27.39
H1 NAG G . 7.00 -28.32 -24.97
H2 NAG G . 5.53 -25.98 -24.50
H3 NAG G . 7.58 -26.24 -26.39
H4 NAG G . 7.55 -24.73 -23.98
H5 NAG G . 9.43 -26.65 -24.78
H61 NAG G . 10.56 -25.38 -23.35
H62 NAG G . 9.27 -25.11 -22.45
H81 NAG G . 3.14 -25.20 -25.30
H82 NAG G . 2.94 -24.80 -26.82
H83 NAG G . 4.34 -24.60 -26.13
HN2 NAG G . 5.37 -28.02 -26.33
HO1 NAG G . 5.11 -28.40 -23.72
HO3 NAG G . 6.29 -24.00 -25.93
HO6 NAG G . 10.81 -27.24 -22.42
C1 GAL G . 8.51 -22.94 -24.68
C2 GAL G . 9.19 -21.77 -25.38
C3 GAL G . 8.82 -20.48 -24.73
C4 GAL G . 7.35 -20.27 -24.72
C5 GAL G . 6.60 -21.45 -24.07
C6 GAL G . 5.09 -21.30 -24.21
O2 GAL G . 10.62 -21.95 -25.37
O3 GAL G . 9.45 -19.35 -25.48
O4 GAL G . 6.93 -20.09 -26.08
O5 GAL G . 7.04 -22.73 -24.65
O6 GAL G . 4.70 -20.09 -23.58
H1 GAL G . 8.83 -23.03 -23.76
H2 GAL G . 8.92 -21.73 -26.31
H3 GAL G . 9.15 -20.49 -23.82
H4 GAL G . 7.12 -19.47 -24.20
H5 GAL G . 6.79 -21.45 -23.11
H61 GAL G . 4.86 -21.26 -25.16
H62 GAL G . 4.64 -22.05 -23.80
HO2 GAL G . 10.99 -21.22 -25.58
HO4 GAL G . 6.44 -19.40 -26.13
HO6 GAL G . 4.05 -20.24 -23.06
C1 PKM G . 9.41 -17.99 -23.47
C10 PKM G . 15.38 -16.54 -24.14
C11 PKM G . 16.35 -15.65 -23.34
O1A PKM G . 9.65 -18.38 -22.30
C2 PKM G . 10.26 -18.51 -24.62
C3 PKM G . 10.75 -17.37 -25.50
C4 PKM G . 11.96 -16.64 -24.96
O4 PKM G . 12.45 -15.84 -26.08
C5 PKM G . 13.03 -17.52 -24.45
C6 PKM G . 12.48 -18.49 -23.42
C7 PKM G . 13.42 -19.47 -22.82
C8 PKM G . 12.47 -20.49 -22.08
C9 PKM G . 13.20 -21.48 -21.20
O10 PKM G . 15.72 -17.14 -25.11
N5 PKM G . 13.98 -16.65 -23.70
C PKM G . 12.91 -14.50 -25.86
O PKM G . 13.06 -14.04 -24.77
CH3 PKM G . 13.26 -13.62 -27.08
O1B PKM G . 8.46 -17.17 -23.70
O6 PKM G . 11.36 -19.29 -24.05
O7 PKM G . 14.15 -20.11 -23.81
O8 PKM G . 11.53 -19.85 -21.26
O9 PKM G . 14.21 -20.78 -20.53
H111 PKM G . 17.23 -15.70 -23.74
H113 PKM G . 16.39 -15.97 -22.42
H112 PKM G . 16.03 -14.74 -23.35
H32 PKM G . 10.98 -17.73 -26.37
H31 PKM G . 10.02 -16.73 -25.60
H4 PKM G . 11.71 -16.08 -24.20
H5 PKM G . 13.43 -17.99 -25.19
H6 PKM G . 12.25 -17.92 -22.67
H7 PKM G . 14.07 -19.08 -22.21
H8 PKM G . 12.03 -20.95 -22.82
H92 PKM G . 13.58 -22.18 -21.74
H91 PKM G . 12.58 -21.86 -20.56
HN5 PKM G . 13.71 -16.22 -23.00
H14 PKM G . 13.57 -12.75 -26.78
H16 PKM G . 12.47 -13.50 -27.63
H15 PKM G . 13.95 -14.06 -27.61
HO7 PKM G . 13.66 -20.70 -24.19
HO8 PKM G . 11.78 -19.88 -20.45
HO9 PKM G . 14.91 -20.78 -21.01
C1 NAG H . 5.44 13.04 -37.74
C2 NAG H . 4.47 13.14 -36.57
C3 NAG H . 4.81 12.30 -35.37
C4 NAG H . 5.93 11.29 -35.30
C5 NAG H . 6.94 11.57 -36.40
C6 NAG H . 7.80 10.35 -36.54
C7 NAG H . 3.51 15.16 -35.12
C8 NAG H . 2.40 14.32 -34.46
N2 NAG H . 4.44 14.58 -36.12
O1 NAG H . 4.69 13.05 -38.88
O3 NAG H . 3.55 11.58 -35.12
O4 NAG H . 6.52 11.45 -33.96
O5 NAG H . 6.27 11.79 -37.70
O6 NAG H . 8.53 10.20 -35.33
O7 NAG H . 3.61 16.32 -34.83
H1 NAG H . 6.06 13.78 -37.72
H2 NAG H . 3.61 12.84 -36.90
H3 NAG H . 5.15 12.93 -34.72
H4 NAG H . 5.63 10.38 -35.41
H5 NAG H . 7.47 12.35 -36.17
H61 NAG H . 7.25 9.57 -36.70
H62 NAG H . 8.41 10.47 -37.29
H81 NAG H . 1.66 14.22 -35.08
H82 NAG H . 2.74 13.46 -34.22
H83 NAG H . 2.08 14.79 -33.66
HN2 NAG H . 5.03 15.10 -36.46
HO1 NAG H . 3.93 12.69 -38.75
HO3 NAG H . 3.30 11.55 -34.31
HO6 NAG H . 8.71 10.96 -35.02
C1 GAL H . 5.78 10.73 -33.00
C2 GAL H . 6.32 10.82 -31.56
C3 GAL H . 5.21 10.67 -30.56
C4 GAL H . 4.04 11.59 -30.69
C5 GAL H . 4.03 12.26 -32.07
C6 GAL H . 4.97 13.46 -32.02
O2 GAL H . 7.30 9.78 -31.34
O3 GAL H . 5.76 10.97 -29.19
O4 GAL H . 4.11 12.55 -29.64
O5 GAL H . 4.37 11.21 -33.03
O6 GAL H . 4.76 14.16 -30.80
H1 GAL H . 5.88 9.80 -33.27
H2 GAL H . 6.75 11.68 -31.44
H3 GAL H . 4.92 9.76 -30.68
H4 GAL H . 3.20 11.10 -30.59
H5 GAL H . 3.20 12.66 -32.33
H61 GAL H . 5.88 13.16 -32.08
H62 GAL H . 4.77 14.05 -32.78
HO2 GAL H . 7.15 9.13 -31.88
HO4 GAL H . 4.90 12.59 -29.32
HO6 GAL H . 4.85 15.00 -30.93
C1 PKM H . 5.92 10.79 -26.84
C10 PKM H . 3.35 5.24 -26.43
C11 PKM H . 3.09 4.24 -25.29
O1A PKM H . 7.12 10.68 -26.48
C2 PKM H . 5.45 10.09 -28.09
C3 PKM H . 6.19 8.77 -28.27
C4 PKM H . 5.82 7.71 -27.26
O4 PKM H . 6.51 6.49 -27.63
C5 PKM H . 4.34 7.51 -27.20
C6 PKM H . 3.70 8.83 -26.85
C7 PKM H . 2.22 8.77 -26.71
C8 PKM H . 1.69 10.24 -26.59
C9 PKM H . 0.21 10.26 -26.26
O10 PKM H . 2.99 5.00 -27.54
N5 PKM H . 4.07 6.49 -26.12
C PKM H . 7.32 5.89 -26.61
O PKM H . 7.26 6.27 -25.48
CH3 PKM H . 8.29 4.75 -26.98
O1B PKM H . 5.10 11.49 -26.18
O6 PKM H . 4.00 9.89 -27.89
O7 PKM H . 1.62 8.17 -27.82
O8 PKM H . 2.40 10.94 -25.61
O9 PKM H . -0.15 11.52 -25.75
H111 PKM H . 2.62 3.46 -25.64
H113 PKM H . 2.54 4.66 -24.61
H112 PKM H . 3.93 3.96 -24.91
H32 PKM H . 6.01 8.43 -29.16
H31 PKM H . 7.15 8.95 -28.19
H4 PKM H . 6.09 7.97 -26.37
H5 PKM H . 3.98 7.15 -28.02
H6 PKM H . 4.04 9.07 -25.98
H7 PKM H . 1.99 8.24 -25.93
H8 PKM H . 1.84 10.67 -27.46
H92 PKM H . 0.02 9.57 -25.61
H91 PKM H . -0.30 10.08 -27.07
HN5 PKM H . 4.33 6.65 -25.31
H14 PKM H . 7.78 4.02 -27.38
H16 PKM H . 8.74 4.44 -26.18
H15 PKM H . 8.94 5.08 -27.62
HO7 PKM H . 1.55 8.75 -28.44
HO8 PKM H . 2.03 10.81 -24.86
HO9 PKM H . -0.82 11.43 -25.23
C1 NAG I . -18.79 31.83 -5.43
C2 NAG I . -17.73 32.23 -6.45
C3 NAG I . -16.87 31.15 -7.01
C4 NAG I . -17.25 29.72 -6.77
C5 NAG I . -18.58 29.49 -6.05
C6 NAG I . -18.56 28.10 -5.49
C7 NAG I . -18.83 34.21 -7.75
C8 NAG I . -18.59 35.17 -6.58
N2 NAG I . -18.40 32.81 -7.65
O1 NAG I . -18.56 32.70 -4.39
O3 NAG I . -15.53 31.37 -6.46
O4 NAG I . -17.31 29.09 -8.09
O5 NAG I . -18.70 30.43 -4.92
O6 NAG I . -18.78 27.18 -6.54
O7 NAG I . -19.37 34.60 -8.75
H1 NAG I . -19.67 31.89 -5.81
H2 NAG I . -17.18 32.85 -5.95
H3 NAG I . -16.92 31.23 -7.97
H4 NAG I . -16.59 29.32 -6.19
H5 NAG I . -19.32 29.61 -6.67
H61 NAG I . -17.71 27.93 -5.07
H62 NAG I . -19.27 28.01 -4.84
H81 NAG I . -19.23 34.99 -5.87
H82 NAG I . -17.70 35.04 -6.24
H83 NAG I . -18.70 36.08 -6.88
HN2 NAG I . -18.55 32.30 -8.33
HO1 NAG I . -19.15 32.63 -3.80
HO3 NAG I . -15.59 31.60 -5.64
HO6 NAG I . -19.61 27.05 -6.65
C1 GAL I . -16.04 28.62 -8.45
C2 GAL I . -16.17 27.51 -9.50
C3 GAL I . -14.85 26.90 -9.70
C4 GAL I . -13.77 27.93 -9.80
C5 GAL I . -14.23 29.41 -9.92
C6 GAL I . -14.87 29.70 -11.27
O2 GAL I . -17.08 26.50 -9.02
O3 GAL I . -14.86 26.01 -10.89
O4 GAL I . -12.94 27.70 -10.95
O5 GAL I . -15.19 29.76 -8.87
O6 GAL I . -14.62 28.62 -12.14
H1 GAL I . -15.63 28.21 -7.66
H2 GAL I . -16.53 27.87 -10.32
H3 GAL I . -14.64 26.33 -8.94
H4 GAL I . -13.29 27.82 -8.97
H5 GAL I . -13.43 29.95 -9.86
H61 GAL I . -15.84 29.81 -11.16
H62 GAL I . -14.49 30.51 -11.65
HO2 GAL I . -17.86 26.85 -8.96
HO4 GAL I . -12.13 27.60 -10.71
HO6 GAL I . -13.79 28.59 -12.32
C1 PKM I . -12.89 24.70 -10.32
C10 PKM I . -16.15 19.51 -9.81
C11 PKM I . -15.81 18.03 -9.53
O1A PKM I . -12.41 24.76 -9.16
C2 PKM I . -14.38 24.69 -10.52
C3 PKM I . -14.71 23.78 -11.68
C4 PKM I . -14.60 22.31 -11.37
O4 PKM I . -15.09 21.62 -12.55
C5 PKM I . -15.36 21.92 -10.16
C6 PKM I . -14.82 22.73 -8.99
C7 PKM I . -15.44 22.43 -7.67
C8 PKM I . -14.93 23.53 -6.68
C9 PKM I . -15.24 23.16 -5.24
O10 PKM I . -17.26 19.88 -9.97
N5 PKM I . -15.04 20.48 -9.89
C PKM I . -14.18 20.71 -13.17
O PKM I . -13.13 20.46 -12.68
CH3 PKM I . -14.61 20.05 -14.50
O1B PKM I . -12.11 24.62 -11.33
O6 PKM I . -15.01 24.21 -9.26
O7 PKM I . -16.84 22.46 -7.76
O8 PKM I . -13.55 23.71 -6.82
O9 PKM I . -14.68 24.12 -4.36
H111 PKM I . -16.63 17.51 -9.51
H113 PKM I . -15.35 17.96 -8.68
H112 PKM I . -15.24 17.69 -10.24
H32 PKM I . -15.61 23.96 -11.98
H31 PKM I . -14.10 23.98 -12.41
H4 PKM I . -13.68 22.07 -11.18
H5 PKM I . -16.30 22.03 -10.27
H6 PKM I . -13.89 22.46 -8.89
H7 PKM I . -15.20 21.54 -7.36
H8 PKM I . -15.39 24.36 -6.89
H92 PKM I . -14.87 22.29 -5.05
H91 PKM I . -16.20 23.14 -5.11
HN5 PKM I . -14.23 20.21 -9.80
H14 PKM I . -15.44 19.58 -14.38
H16 PKM I . -13.91 19.43 -14.79
H15 PKM I . -14.72 20.73 -15.18
HO7 PKM I . -17.09 23.27 -7.79
HO8 PKM I . -13.13 23.19 -6.29
HO9 PKM I . -14.61 23.77 -3.57
C1 NAG J . -35.47 3.78 14.78
C2 NAG J . -34.22 3.95 15.65
C3 NAG J . -33.63 5.32 15.65
C4 NAG J . -33.53 5.88 14.28
C5 NAG J . -34.99 6.06 13.80
C6 NAG J . -35.05 6.76 12.47
C7 NAG J . -35.18 2.34 17.52
C8 NAG J . -35.29 1.14 16.56
N2 NAG J . -34.66 3.65 17.06
O1 NAG J . -35.44 2.53 14.19
O3 NAG J . -32.31 5.24 16.27
O4 NAG J . -32.83 7.15 14.26
O5 NAG J . -35.70 4.77 13.67
O6 NAG J . -34.16 6.10 11.57
O7 NAG J . -35.53 2.21 18.66
H1 NAG J . -36.21 3.90 15.40
H2 NAG J . -33.54 3.34 15.33
H3 NAG J . -34.17 5.92 16.17
H4 NAG J . -33.01 5.31 13.68
H5 NAG J . -35.42 6.62 14.46
H61 NAG J . -35.95 6.72 12.13
H62 NAG J . -34.78 7.69 12.57
H81 NAG J . -34.49 1.09 16.01
H82 NAG J . -36.07 1.25 15.98
H83 NAG J . -35.38 0.33 17.07
HN2 NAG J . -34.61 4.28 17.63
HO1 NAG J . -34.65 2.20 14.20
HO3 NAG J . -32.34 5.63 17.02
HO6 NAG J . -34.36 5.27 11.54
C1 GAL J . -31.70 7.00 13.44
C2 GAL J . -31.10 8.40 13.26
C3 GAL J . -29.74 8.43 12.71
C4 GAL J . -28.86 7.54 13.50
C5 GAL J . -29.39 6.10 13.55
C6 GAL J . -28.49 5.26 14.43
O2 GAL J . -31.98 9.19 12.42
O3 GAL J . -29.27 9.83 12.80
O4 GAL J . -28.79 8.10 14.82
O5 GAL J . -30.76 6.04 14.07
O6 GAL J . -27.16 5.32 13.96
H1 GAL J . -31.94 6.63 12.57
H2 GAL J . -31.06 8.80 14.14
H3 GAL J . -29.72 8.13 11.78
H4 GAL J . -27.97 7.50 13.12
H5 GAL J . -29.38 5.74 12.64
H61 GAL J . -28.52 5.60 15.34
H62 GAL J . -28.80 4.34 14.43
HO2 GAL J . -31.58 9.89 12.16
HO4 GAL J . -28.13 8.63 14.86
HO6 GAL J . -26.75 4.60 14.15
C1 PKM J . -27.33 9.40 11.37
C10 PKM J . -28.79 14.33 7.96
C11 PKM J . -28.13 14.97 6.71
O1A PKM J . -26.35 9.40 12.17
C2 PKM J . -28.53 10.29 11.65
C3 PKM J . -28.05 11.71 11.97
C4 PKM J . -27.80 12.58 10.77
O4 PKM J . -27.76 13.94 11.31
C5 PKM J . -28.80 12.46 9.69
C6 PKM J . -28.97 11.02 9.26
C7 PKM J . -29.96 10.67 8.22
C8 PKM J . -30.22 9.13 8.35
C9 PKM J . -30.97 8.47 7.21
O10 PKM J . -29.76 14.79 8.46
N5 PKM J . -28.19 13.12 8.50
C PKM J . -26.81 14.87 10.81
O PKM J . -26.06 14.60 9.92
CH3 PKM J . -26.78 16.28 11.43
O1B PKM J . -27.32 8.65 10.34
O6 PKM J . -29.41 10.26 10.49
O7 PKM J . -31.12 11.39 8.50
O8 PKM J . -29.01 8.42 8.46
O9 PKM J . -30.55 9.06 6.00
H111 PKM J . -28.65 15.74 6.43
H113 PKM J . -28.08 14.32 5.99
H112 PKM J . -27.23 15.26 6.94
H32 PKM J . -28.74 12.14 12.52
H31 PKM J . -27.23 11.65 12.47
H4 PKM J . -26.97 12.34 10.33
H5 PKM J . -29.65 12.85 9.97
H6 PKM J . -28.12 10.80 8.84
H7 PKM J . -29.68 10.88 7.31
H8 PKM J . -30.77 9.07 9.15
H92 PKM J . -31.93 8.61 7.32
H91 PKM J . -30.78 7.52 7.18
HN5 PKM J . -27.49 12.78 8.14
H14 PKM J . -26.14 16.83 10.95
H16 PKM J . -26.52 16.22 12.36
H15 PKM J . -27.67 16.69 11.37
HO7 PKM J . -31.44 11.10 9.23
HO8 PKM J . -28.67 8.31 7.70
HO9 PKM J . -30.89 9.85 5.94
#